data_6SU6
#
_entry.id   6SU6
#
_cell.length_a   121.240
_cell.length_b   174.170
_cell.length_c   48.510
_cell.angle_alpha   90.000
_cell.angle_beta   90.000
_cell.angle_gamma   90.000
#
_symmetry.space_group_name_H-M   'P 21 21 2'
#
loop_
_entity.id
_entity.type
_entity.pdbx_description
1 polymer Glycosyltransferase
2 non-polymer "URIDINE-5'-DIPHOSPHATE-GLUCOSE"
3 water water
#
_entity_poly.entity_id   1
_entity_poly.type   'polypeptide(L)'
_entity_poly.pdbx_seq_one_letter_code
;MGHHHHHHDYDIPTTENLYFQGSESPAAPPTTAPPPHVIIVPSAGMGHLIPLAEFAKRLLPRFTFTFAVPTSGPPSSSQR
DFLSSLPASIDTSFLPEVDLSDAPSDAQIETLMSLMVVRSLPSLRDLIASYSASGRRVAALVVDLFATDAIDVALELGIR
PFIFFPSTAMTLSFFLHLEKLDETVSCEFAELSDPVQIPGCIPVHGKDLIDPVQDRKNDAYKWLLHHSKRYKLAEGVIVN
SFEGLEGGPIRELLHPEPGKPRVYPVGPLIQAGSCEKGAAARPECLKWLDQQPRGSVLFVNFGSGGVLSTEQQNELAGVL
AHSQQRFLWVVRPPNDGIANATYFSVDGEIDPLKLLPEGFLEQTAGRGLVLPMWAPQIDVLSHESTGGFLTHCGWNSTLE
SVFHGVPLITWPLYAEQKMNAVMLTEGLRVGLRPSVGKDGIIRGAEIARVIGELMEGEEGKRIRSKMQELKRAASAVLSK
DGSSTRALEEVAKIWESKV
;
_entity_poly.pdbx_strand_id   A,B
#
loop_
_chem_comp.id
_chem_comp.type
_chem_comp.name
_chem_comp.formula
UPG non-polymer URIDINE-5'-DIPHOSPHATE-GLUCOSE 'C15 H24 N2 O17 P2'
#
# COMPACT_ATOMS: atom_id res chain seq x y z
N THR A 32 -4.40 22.65 -16.26
CA THR A 32 -5.01 21.88 -15.18
C THR A 32 -6.15 22.66 -14.54
N ALA A 33 -7.29 22.00 -14.37
CA ALA A 33 -8.45 22.65 -13.79
C ALA A 33 -8.38 22.61 -12.27
N PRO A 34 -9.06 23.55 -11.60
CA PRO A 34 -9.04 23.58 -10.13
C PRO A 34 -9.98 22.53 -9.56
N PRO A 35 -9.51 21.71 -8.64
CA PRO A 35 -10.35 20.62 -8.13
C PRO A 35 -11.53 21.16 -7.36
N PRO A 36 -12.75 20.76 -7.71
CA PRO A 36 -13.89 21.11 -6.86
C PRO A 36 -13.72 20.48 -5.48
N HIS A 37 -14.30 21.13 -4.49
CA HIS A 37 -14.22 20.66 -3.11
C HIS A 37 -15.49 19.93 -2.73
N VAL A 38 -15.34 18.82 -2.01
CA VAL A 38 -16.44 18.00 -1.54
C VAL A 38 -16.32 17.87 -0.03
N ILE A 39 -17.45 17.94 0.66
CA ILE A 39 -17.49 17.85 2.11
C ILE A 39 -18.26 16.60 2.51
N ILE A 40 -17.70 15.86 3.46
CA ILE A 40 -18.27 14.61 3.94
C ILE A 40 -18.64 14.79 5.41
N VAL A 41 -19.88 14.43 5.74
CA VAL A 41 -20.37 14.51 7.12
C VAL A 41 -20.64 13.09 7.61
N PRO A 42 -19.73 12.49 8.36
CA PRO A 42 -19.99 11.16 8.92
C PRO A 42 -20.75 11.23 10.24
N SER A 43 -21.51 10.18 10.51
CA SER A 43 -22.31 10.12 11.72
C SER A 43 -21.93 9.00 12.68
N ALA A 44 -21.21 7.97 12.23
CA ALA A 44 -20.88 6.82 13.06
C ALA A 44 -19.36 6.65 13.11
N GLY A 45 -18.94 5.49 13.63
CA GLY A 45 -17.54 5.19 13.86
C GLY A 45 -16.81 4.64 12.66
N MET A 46 -15.89 3.71 12.89
CA MET A 46 -15.00 3.26 11.81
C MET A 46 -15.76 2.56 10.70
N GLY A 47 -16.83 1.84 11.02
CA GLY A 47 -17.58 1.14 10.00
C GLY A 47 -18.08 2.04 8.90
N HIS A 48 -18.17 3.34 9.16
CA HIS A 48 -18.62 4.31 8.17
C HIS A 48 -17.48 5.17 7.64
N LEU A 49 -16.45 5.41 8.45
CA LEU A 49 -15.29 6.17 7.98
C LEU A 49 -14.50 5.38 6.93
N ILE A 50 -14.26 4.10 7.17
CA ILE A 50 -13.45 3.30 6.26
C ILE A 50 -14.05 3.37 4.86
N PRO A 51 -15.30 2.95 4.65
CA PRO A 51 -15.86 3.03 3.29
C PRO A 51 -15.98 4.45 2.76
N LEU A 52 -16.22 5.42 3.63
CA LEU A 52 -16.24 6.81 3.18
C LEU A 52 -14.87 7.23 2.65
N ALA A 53 -13.80 6.87 3.37
CA ALA A 53 -12.45 7.21 2.91
C ALA A 53 -12.11 6.49 1.61
N GLU A 54 -12.47 5.20 1.49
CA GLU A 54 -12.21 4.48 0.26
C GLU A 54 -12.93 5.13 -0.91
N PHE A 55 -14.21 5.47 -0.72
CA PHE A 55 -14.95 6.20 -1.74
C PHE A 55 -14.20 7.45 -2.18
N ALA A 56 -13.75 8.25 -1.21
CA ALA A 56 -13.06 9.49 -1.55
C ALA A 56 -11.73 9.22 -2.25
N LYS A 57 -11.02 8.17 -1.83
CA LYS A 57 -9.74 7.86 -2.45
C LYS A 57 -9.92 7.47 -3.92
N ARG A 58 -11.00 6.75 -4.23
CA ARG A 58 -11.25 6.40 -5.63
C ARG A 58 -11.46 7.65 -6.49
N LEU A 59 -11.88 8.76 -5.89
CA LEU A 59 -12.18 9.98 -6.64
C LEU A 59 -11.05 10.99 -6.59
N LEU A 60 -9.93 10.64 -5.99
CA LEU A 60 -8.76 11.52 -6.01
C LEU A 60 -8.05 11.44 -7.36
N PRO A 61 -7.34 12.50 -7.77
CA PRO A 61 -7.27 13.82 -7.15
C PRO A 61 -8.23 14.82 -7.76
N ARG A 62 -9.12 14.34 -8.64
CA ARG A 62 -10.11 15.19 -9.30
C ARG A 62 -10.77 16.16 -8.32
N PHE A 63 -10.97 15.71 -7.09
CA PHE A 63 -11.58 16.52 -6.06
C PHE A 63 -10.66 16.60 -4.85
N THR A 64 -10.94 17.57 -3.98
CA THR A 64 -10.42 17.58 -2.63
C THR A 64 -11.59 17.34 -1.68
N PHE A 65 -11.29 16.80 -0.52
CA PHE A 65 -12.32 16.40 0.43
C PHE A 65 -12.00 16.98 1.80
N THR A 66 -13.06 17.24 2.56
CA THR A 66 -12.93 17.54 3.99
C THR A 66 -13.90 16.65 4.72
N PHE A 67 -13.39 15.86 5.66
CA PHE A 67 -14.22 15.19 6.64
C PHE A 67 -14.62 16.23 7.69
N ALA A 68 -15.90 16.58 7.73
CA ALA A 68 -16.44 17.48 8.74
C ALA A 68 -17.09 16.60 9.80
N VAL A 69 -16.34 16.30 10.86
CA VAL A 69 -16.73 15.28 11.82
C VAL A 69 -17.46 15.95 12.99
N PRO A 70 -18.74 15.67 13.21
CA PRO A 70 -19.39 16.12 14.45
C PRO A 70 -18.84 15.36 15.65
N THR A 71 -18.83 16.03 16.79
CA THR A 71 -18.28 15.46 18.01
C THR A 71 -19.10 15.89 19.21
N SER A 72 -19.13 15.02 20.23
CA SER A 72 -19.71 15.35 21.53
C SER A 72 -18.65 15.36 22.63
N GLY A 73 -17.38 15.29 22.26
CA GLY A 73 -16.28 15.34 23.18
C GLY A 73 -14.97 15.42 22.42
N PRO A 74 -13.85 15.36 23.12
CA PRO A 74 -12.56 15.35 22.43
C PRO A 74 -12.47 14.18 21.48
N PRO A 75 -12.04 14.42 20.22
CA PRO A 75 -11.91 13.31 19.27
C PRO A 75 -11.03 12.20 19.84
N SER A 76 -11.27 10.98 19.38
CA SER A 76 -10.52 9.83 19.84
C SER A 76 -9.18 9.73 19.13
N SER A 77 -8.28 8.93 19.69
CA SER A 77 -6.97 8.75 19.08
C SER A 77 -7.07 7.94 17.80
N SER A 78 -7.94 6.93 17.77
CA SER A 78 -8.11 6.14 16.54
C SER A 78 -8.70 7.00 15.43
N GLN A 79 -9.68 7.85 15.77
CA GLN A 79 -10.23 8.76 14.77
C GLN A 79 -9.15 9.66 14.19
N ARG A 80 -8.38 10.32 15.05
CA ARG A 80 -7.31 11.21 14.57
C ARG A 80 -6.30 10.44 13.73
N ASP A 81 -5.91 9.25 14.18
CA ASP A 81 -4.88 8.49 13.48
C ASP A 81 -5.38 8.01 12.11
N PHE A 82 -6.63 7.56 12.05
CA PHE A 82 -7.13 7.04 10.79
C PHE A 82 -7.32 8.16 9.77
N LEU A 83 -7.89 9.29 10.19
CA LEU A 83 -8.13 10.37 9.25
C LEU A 83 -6.85 11.10 8.87
N SER A 84 -5.84 11.13 9.75
CA SER A 84 -4.58 11.77 9.40
C SER A 84 -3.72 10.90 8.48
N SER A 85 -4.01 9.59 8.41
CA SER A 85 -3.25 8.70 7.54
C SER A 85 -3.69 8.77 6.09
N LEU A 86 -4.68 9.61 5.76
CA LEU A 86 -5.26 9.65 4.43
C LEU A 86 -4.46 10.55 3.52
N PRO A 87 -4.58 10.37 2.20
CA PRO A 87 -3.86 11.26 1.27
C PRO A 87 -4.10 12.73 1.54
N ALA A 88 -3.20 13.56 1.02
CA ALA A 88 -3.25 14.99 1.32
C ALA A 88 -4.53 15.64 0.84
N SER A 89 -5.09 15.18 -0.27
CA SER A 89 -6.31 15.77 -0.81
C SER A 89 -7.52 15.54 0.08
N ILE A 90 -7.42 14.73 1.12
CA ILE A 90 -8.48 14.52 2.09
C ILE A 90 -7.98 15.04 3.43
N ASP A 91 -8.50 16.18 3.89
CA ASP A 91 -8.19 16.68 5.22
C ASP A 91 -9.43 16.56 6.10
N THR A 92 -9.27 16.92 7.36
CA THR A 92 -10.30 16.71 8.37
C THR A 92 -10.55 17.97 9.16
N SER A 93 -11.78 18.13 9.61
CA SER A 93 -12.17 19.23 10.50
C SER A 93 -13.09 18.63 11.56
N PHE A 94 -12.63 18.62 12.81
CA PHE A 94 -13.44 18.14 13.93
C PHE A 94 -14.26 19.31 14.45
N LEU A 95 -15.56 19.30 14.16
CA LEU A 95 -16.41 20.43 14.52
C LEU A 95 -16.41 20.62 16.03
N PRO A 96 -16.60 21.86 16.49
CA PRO A 96 -16.73 22.08 17.94
C PRO A 96 -17.80 21.17 18.54
N GLU A 97 -17.47 20.56 19.68
CA GLU A 97 -18.31 19.54 20.25
C GLU A 97 -19.62 20.12 20.79
N VAL A 98 -20.71 19.39 20.59
CA VAL A 98 -22.01 19.79 21.07
C VAL A 98 -22.27 19.07 22.40
N ASP A 99 -23.14 19.68 23.22
CA ASP A 99 -23.50 19.12 24.52
C ASP A 99 -24.67 18.16 24.33
N LEU A 100 -24.48 16.90 24.72
CA LEU A 100 -25.53 15.89 24.66
C LEU A 100 -25.98 15.43 26.05
N SER A 101 -25.47 16.06 27.11
CA SER A 101 -25.77 15.63 28.47
C SER A 101 -27.27 15.67 28.76
N ASP A 102 -28.03 16.47 28.02
CA ASP A 102 -29.47 16.56 28.26
C ASP A 102 -30.22 15.33 27.77
N ALA A 103 -29.58 14.48 26.97
CA ALA A 103 -30.27 13.30 26.48
C ALA A 103 -30.29 12.20 27.54
N PRO A 104 -31.31 11.35 27.54
CA PRO A 104 -31.35 10.25 28.51
C PRO A 104 -30.17 9.29 28.32
N SER A 105 -29.62 8.82 29.43
CA SER A 105 -28.55 7.84 29.36
C SER A 105 -28.99 6.53 28.71
N ASP A 106 -30.30 6.32 28.57
CA ASP A 106 -30.83 5.18 27.84
C ASP A 106 -30.89 5.41 26.34
N ALA A 107 -30.50 6.59 25.87
CA ALA A 107 -30.63 6.94 24.46
C ALA A 107 -29.73 6.07 23.60
N GLN A 108 -30.29 5.49 22.55
CA GLN A 108 -29.52 4.68 21.63
C GLN A 108 -28.64 5.56 20.75
N ILE A 109 -27.66 4.93 20.10
CA ILE A 109 -26.67 5.69 19.36
C ILE A 109 -27.33 6.47 18.23
N GLU A 110 -28.38 5.92 17.62
CA GLU A 110 -29.07 6.63 16.55
C GLU A 110 -29.56 8.00 17.00
N THR A 111 -30.18 8.04 18.20
CA THR A 111 -30.64 9.31 18.74
C THR A 111 -29.48 10.26 18.99
N LEU A 112 -28.37 9.73 19.52
CA LEU A 112 -27.23 10.58 19.82
C LEU A 112 -26.58 11.11 18.55
N MET A 113 -26.51 10.27 17.51
CA MET A 113 -25.93 10.72 16.24
C MET A 113 -26.78 11.82 15.61
N SER A 114 -28.10 11.64 15.60
CA SER A 114 -28.98 12.66 15.03
C SER A 114 -28.86 13.97 15.78
N LEU A 115 -28.87 13.92 17.11
CA LEU A 115 -28.70 15.13 17.91
C LEU A 115 -27.34 15.76 17.65
N MET A 116 -26.31 14.94 17.46
CA MET A 116 -24.98 15.48 17.24
C MET A 116 -24.90 16.25 15.92
N VAL A 117 -25.45 15.67 14.85
CA VAL A 117 -25.42 16.35 13.57
C VAL A 117 -26.27 17.62 13.61
N VAL A 118 -27.50 17.51 14.13
CA VAL A 118 -28.41 18.64 14.12
C VAL A 118 -27.79 19.83 14.84
N ARG A 119 -27.16 19.59 15.98
CA ARG A 119 -26.58 20.65 16.80
C ARG A 119 -25.24 21.15 16.26
N SER A 120 -24.62 20.42 15.34
CA SER A 120 -23.37 20.85 14.72
C SER A 120 -23.58 21.60 13.42
N LEU A 121 -24.82 21.75 12.97
CA LEU A 121 -25.05 22.40 11.68
C LEU A 121 -24.53 23.82 11.60
N PRO A 122 -24.61 24.65 12.65
CA PRO A 122 -24.02 26.00 12.53
C PRO A 122 -22.52 25.96 12.28
N SER A 123 -21.80 25.07 12.95
CA SER A 123 -20.37 24.94 12.67
C SER A 123 -20.13 24.40 11.27
N LEU A 124 -21.04 23.56 10.77
CA LEU A 124 -20.91 23.08 9.40
C LEU A 124 -21.06 24.22 8.41
N ARG A 125 -22.00 25.14 8.67
CA ARG A 125 -22.08 26.34 7.84
C ARG A 125 -20.78 27.14 7.89
N ASP A 126 -20.22 27.31 9.08
CA ASP A 126 -18.98 28.08 9.20
C ASP A 126 -17.85 27.42 8.40
N LEU A 127 -17.73 26.09 8.48
CA LEU A 127 -16.69 25.40 7.73
C LEU A 127 -16.88 25.57 6.23
N ILE A 128 -18.12 25.42 5.76
CA ILE A 128 -18.39 25.63 4.34
C ILE A 128 -18.09 27.08 3.96
N ALA A 129 -18.38 28.02 4.87
CA ALA A 129 -18.11 29.42 4.58
C ALA A 129 -16.60 29.65 4.41
N SER A 130 -15.78 29.06 5.27
CA SER A 130 -14.34 29.24 5.15
C SER A 130 -13.85 28.81 3.78
N TYR A 131 -14.47 27.78 3.21
CA TYR A 131 -14.06 27.33 1.89
C TYR A 131 -14.64 28.22 0.80
N SER A 132 -15.93 28.51 0.86
CA SER A 132 -16.56 29.30 -0.19
C SER A 132 -16.05 30.74 -0.22
N ALA A 133 -15.72 31.30 0.93
CA ALA A 133 -15.21 32.67 0.98
C ALA A 133 -13.81 32.80 0.38
N SER A 134 -13.09 31.69 0.23
CA SER A 134 -11.78 31.75 -0.38
C SER A 134 -11.81 31.54 -1.88
N GLY A 135 -13.00 31.38 -2.47
CA GLY A 135 -13.14 31.20 -3.89
C GLY A 135 -13.28 29.76 -4.35
N ARG A 136 -13.06 28.78 -3.46
CA ARG A 136 -13.24 27.38 -3.82
C ARG A 136 -14.71 27.11 -4.14
N ARG A 137 -14.94 26.20 -5.08
CA ARG A 137 -16.28 25.74 -5.40
C ARG A 137 -16.56 24.46 -4.64
N VAL A 138 -17.59 24.49 -3.80
CA VAL A 138 -18.04 23.30 -3.08
C VAL A 138 -19.06 22.59 -3.97
N ALA A 139 -18.66 21.44 -4.50
CA ALA A 139 -19.48 20.77 -5.52
C ALA A 139 -20.57 19.91 -4.90
N ALA A 140 -20.30 19.23 -3.79
CA ALA A 140 -21.28 18.33 -3.20
C ALA A 140 -21.07 18.22 -1.70
N LEU A 141 -22.13 17.80 -1.03
CA LEU A 141 -22.11 17.48 0.40
C LEU A 141 -22.54 16.02 0.53
N VAL A 142 -21.64 15.17 1.02
CA VAL A 142 -21.90 13.74 1.17
C VAL A 142 -22.19 13.49 2.65
N VAL A 143 -23.42 13.08 2.94
CA VAL A 143 -23.88 12.88 4.32
C VAL A 143 -24.05 11.40 4.59
N ASP A 144 -23.75 11.01 5.83
CA ASP A 144 -23.97 9.66 6.32
C ASP A 144 -25.46 9.41 6.50
N LEU A 145 -25.82 8.14 6.66
CA LEU A 145 -27.23 7.76 6.67
C LEU A 145 -27.99 8.33 7.87
N PHE A 146 -27.31 8.81 8.89
CA PHE A 146 -27.96 9.46 10.02
C PHE A 146 -27.62 10.95 10.10
N ALA A 147 -27.14 11.52 9.00
CA ALA A 147 -26.77 12.94 8.95
C ALA A 147 -27.61 13.69 7.92
N THR A 148 -28.83 13.19 7.65
CA THR A 148 -29.63 13.75 6.57
C THR A 148 -30.09 15.18 6.85
N ASP A 149 -30.04 15.62 8.11
CA ASP A 149 -30.45 16.98 8.41
C ASP A 149 -29.48 18.00 7.80
N ALA A 150 -28.23 17.61 7.59
CA ALA A 150 -27.27 18.48 6.91
C ALA A 150 -27.62 18.71 5.44
N ILE A 151 -28.61 17.99 4.90
CA ILE A 151 -29.00 18.22 3.52
C ILE A 151 -29.64 19.60 3.38
N ASP A 152 -30.31 20.08 4.42
CA ASP A 152 -30.88 21.42 4.38
C ASP A 152 -29.81 22.48 4.12
N VAL A 153 -28.66 22.34 4.77
CA VAL A 153 -27.55 23.26 4.51
C VAL A 153 -27.18 23.21 3.04
N ALA A 154 -26.99 22.00 2.50
CA ALA A 154 -26.59 21.88 1.10
C ALA A 154 -27.60 22.56 0.18
N LEU A 155 -28.90 22.36 0.44
CA LEU A 155 -29.92 22.95 -0.42
C LEU A 155 -29.89 24.47 -0.35
N GLU A 156 -29.70 25.03 0.85
CA GLU A 156 -29.67 26.48 1.00
C GLU A 156 -28.44 27.10 0.34
N LEU A 157 -27.36 26.35 0.17
CA LEU A 157 -26.14 26.87 -0.39
C LEU A 157 -25.92 26.45 -1.84
N GLY A 158 -26.89 25.79 -2.45
CA GLY A 158 -26.73 25.35 -3.83
C GLY A 158 -25.70 24.26 -4.02
N ILE A 159 -25.50 23.44 -3.01
CA ILE A 159 -24.54 22.35 -3.07
C ILE A 159 -25.29 21.04 -3.29
N ARG A 160 -24.78 20.21 -4.17
CA ARG A 160 -25.44 18.93 -4.49
C ARG A 160 -25.41 18.03 -3.27
N PRO A 161 -26.54 17.65 -2.69
CA PRO A 161 -26.51 16.71 -1.56
C PRO A 161 -26.59 15.26 -2.00
N PHE A 162 -25.66 14.44 -1.52
CA PHE A 162 -25.65 13.01 -1.78
C PHE A 162 -25.57 12.26 -0.45
N ILE A 163 -26.23 11.11 -0.38
CA ILE A 163 -26.17 10.24 0.78
C ILE A 163 -25.24 9.08 0.46
N PHE A 164 -24.27 8.83 1.34
CA PHE A 164 -23.44 7.65 1.22
C PHE A 164 -23.99 6.56 2.13
N PHE A 165 -24.32 5.42 1.55
CA PHE A 165 -24.97 4.34 2.29
C PHE A 165 -24.00 3.19 2.46
N PRO A 166 -23.37 3.03 3.62
CA PRO A 166 -22.31 2.03 3.78
C PRO A 166 -22.81 0.63 4.07
N SER A 167 -24.09 0.38 3.87
CA SER A 167 -24.68 -0.92 4.14
C SER A 167 -25.24 -1.52 2.85
N THR A 168 -26.16 -2.48 3.00
CA THR A 168 -26.66 -3.25 1.88
C THR A 168 -27.74 -2.49 1.12
N ALA A 169 -27.91 -2.85 -0.16
CA ALA A 169 -29.06 -2.37 -0.91
C ALA A 169 -30.36 -2.85 -0.29
N MET A 170 -30.32 -4.01 0.39
CA MET A 170 -31.49 -4.51 1.10
C MET A 170 -31.87 -3.59 2.25
N THR A 171 -30.88 -3.11 2.99
CA THR A 171 -31.15 -2.16 4.06
C THR A 171 -31.56 -0.81 3.50
N LEU A 172 -31.00 -0.42 2.35
CA LEU A 172 -31.46 0.80 1.70
C LEU A 172 -32.92 0.67 1.31
N SER A 173 -33.28 -0.45 0.67
CA SER A 173 -34.68 -0.67 0.31
C SER A 173 -35.57 -0.60 1.53
N PHE A 174 -35.14 -1.23 2.64
CA PHE A 174 -35.93 -1.17 3.86
C PHE A 174 -36.12 0.27 4.33
N PHE A 175 -35.06 1.06 4.30
CA PHE A 175 -35.18 2.47 4.68
C PHE A 175 -36.22 3.16 3.80
N LEU A 176 -36.11 3.00 2.48
CA LEU A 176 -37.03 3.69 1.58
C LEU A 176 -38.47 3.23 1.78
N HIS A 177 -38.66 1.99 2.25
CA HIS A 177 -40.00 1.45 2.46
C HIS A 177 -40.50 1.64 3.89
N LEU A 178 -39.64 2.13 4.80
CA LEU A 178 -40.02 2.22 6.21
C LEU A 178 -41.27 3.08 6.39
N GLU A 179 -41.39 4.15 5.63
CA GLU A 179 -42.59 4.99 5.72
C GLU A 179 -43.84 4.16 5.49
N LYS A 180 -43.90 3.48 4.34
CA LYS A 180 -45.07 2.66 4.04
C LYS A 180 -45.30 1.61 5.12
N LEU A 181 -44.23 0.96 5.58
CA LEU A 181 -44.38 -0.09 6.58
C LEU A 181 -44.89 0.47 7.90
N ASP A 182 -44.43 1.67 8.26
CA ASP A 182 -44.88 2.29 9.50
C ASP A 182 -46.37 2.60 9.47
N GLU A 183 -46.89 2.98 8.29
CA GLU A 183 -48.30 3.32 8.16
C GLU A 183 -49.20 2.08 8.08
N THR A 184 -48.67 0.95 7.62
CA THR A 184 -49.48 -0.24 7.40
C THR A 184 -49.26 -1.31 8.47
N VAL A 185 -48.52 -0.99 9.53
CA VAL A 185 -48.28 -1.93 10.63
C VAL A 185 -48.30 -1.15 11.95
N SER A 186 -49.10 -1.60 12.90
CA SER A 186 -49.27 -0.93 14.18
C SER A 186 -48.48 -1.58 15.31
N CYS A 187 -48.35 -2.91 15.28
CA CYS A 187 -47.68 -3.64 16.36
C CYS A 187 -46.16 -3.56 16.21
N GLU A 188 -45.47 -4.00 17.26
CA GLU A 188 -44.03 -4.20 17.17
C GLU A 188 -43.73 -5.24 16.11
N PHE A 189 -42.66 -5.02 15.35
CA PHE A 189 -42.43 -5.85 14.17
C PHE A 189 -42.11 -7.30 14.54
N ALA A 190 -41.58 -7.54 15.73
CA ALA A 190 -41.33 -8.93 16.14
C ALA A 190 -42.63 -9.70 16.29
N GLU A 191 -43.72 -9.02 16.65
CA GLU A 191 -45.00 -9.69 16.86
C GLU A 191 -45.68 -10.10 15.56
N LEU A 192 -45.22 -9.61 14.41
CA LEU A 192 -45.76 -10.09 13.14
C LEU A 192 -45.51 -11.60 13.02
N SER A 193 -46.49 -12.31 12.47
CA SER A 193 -46.35 -13.74 12.23
C SER A 193 -45.73 -14.04 10.88
N ASP A 194 -45.92 -13.16 9.89
CA ASP A 194 -45.39 -13.34 8.55
C ASP A 194 -44.12 -12.53 8.35
N PRO A 195 -43.23 -12.96 7.47
CA PRO A 195 -42.02 -12.17 7.21
C PRO A 195 -42.33 -10.90 6.46
N VAL A 196 -41.64 -9.81 6.84
CA VAL A 196 -41.81 -8.54 6.15
C VAL A 196 -41.26 -8.66 4.74
N GLN A 197 -42.05 -8.22 3.77
CA GLN A 197 -41.64 -8.18 2.36
C GLN A 197 -41.18 -6.76 2.04
N ILE A 198 -39.92 -6.64 1.66
CA ILE A 198 -39.37 -5.33 1.26
C ILE A 198 -39.24 -5.37 -0.26
N PRO A 199 -39.61 -4.29 -0.97
CA PRO A 199 -39.54 -4.31 -2.44
C PRO A 199 -38.20 -4.83 -2.96
N GLY A 200 -38.25 -5.98 -3.62
CA GLY A 200 -37.09 -6.52 -4.29
C GLY A 200 -36.17 -7.37 -3.46
N CYS A 201 -36.50 -7.63 -2.20
CA CYS A 201 -35.63 -8.40 -1.32
C CYS A 201 -36.30 -9.68 -0.85
N ILE A 202 -35.48 -10.60 -0.37
CA ILE A 202 -35.96 -11.83 0.27
C ILE A 202 -36.78 -11.42 1.48
N PRO A 203 -37.83 -12.17 1.84
CA PRO A 203 -38.58 -11.84 3.06
C PRO A 203 -37.70 -11.92 4.29
N VAL A 204 -38.06 -11.15 5.31
CA VAL A 204 -37.32 -11.12 6.57
C VAL A 204 -38.33 -11.09 7.71
N HIS A 205 -38.08 -11.90 8.74
CA HIS A 205 -38.94 -11.90 9.91
C HIS A 205 -38.72 -10.63 10.72
N GLY A 206 -39.81 -10.08 11.26
CA GLY A 206 -39.72 -8.85 12.02
C GLY A 206 -38.71 -8.91 13.14
N LYS A 207 -38.50 -10.10 13.72
CA LYS A 207 -37.51 -10.25 14.78
C LYS A 207 -36.09 -10.02 14.27
N ASP A 208 -35.86 -10.16 12.97
CA ASP A 208 -34.55 -9.99 12.37
C ASP A 208 -34.32 -8.59 11.81
N LEU A 209 -35.31 -7.70 11.90
CA LEU A 209 -35.12 -6.35 11.40
C LEU A 209 -34.14 -5.58 12.29
N ILE A 210 -33.67 -4.45 11.77
CA ILE A 210 -32.55 -3.75 12.40
C ILE A 210 -32.88 -3.38 13.84
N ASP A 211 -31.82 -3.21 14.64
CA ASP A 211 -31.99 -2.93 16.06
C ASP A 211 -32.89 -1.73 16.33
N PRO A 212 -32.74 -0.59 15.66
CA PRO A 212 -33.50 0.61 16.07
C PRO A 212 -35.00 0.51 15.91
N VAL A 213 -35.50 -0.45 15.11
CA VAL A 213 -36.93 -0.60 14.92
C VAL A 213 -37.54 -1.63 15.85
N GLN A 214 -36.78 -2.20 16.77
CA GLN A 214 -37.32 -3.18 17.69
C GLN A 214 -38.12 -2.56 18.83
N ASP A 215 -37.92 -1.27 19.09
CA ASP A 215 -38.69 -0.50 20.08
C ASP A 215 -39.25 0.72 19.35
N ARG A 216 -40.46 0.57 18.80
CA ARG A 216 -41.07 1.65 18.02
C ARG A 216 -41.41 2.87 18.86
N LYS A 217 -41.39 2.76 20.19
CA LYS A 217 -41.67 3.91 21.04
C LYS A 217 -40.42 4.73 21.37
N ASN A 218 -39.23 4.17 21.14
CA ASN A 218 -37.99 4.84 21.46
C ASN A 218 -37.67 5.91 20.42
N ASP A 219 -36.94 6.94 20.86
CA ASP A 219 -36.54 8.01 19.95
C ASP A 219 -35.68 7.49 18.81
N ALA A 220 -34.98 6.38 19.03
CA ALA A 220 -34.17 5.78 17.96
C ALA A 220 -35.03 5.52 16.74
N TYR A 221 -36.21 4.92 16.94
CA TYR A 221 -37.08 4.61 15.81
C TYR A 221 -37.61 5.87 15.14
N LYS A 222 -38.00 6.87 15.95
CA LYS A 222 -38.53 8.10 15.38
C LYS A 222 -37.48 8.81 14.53
N TRP A 223 -36.22 8.81 14.99
CA TRP A 223 -35.16 9.41 14.20
C TRP A 223 -34.92 8.62 12.92
N LEU A 224 -34.90 7.29 13.00
CA LEU A 224 -34.73 6.47 11.81
C LEU A 224 -35.83 6.76 10.80
N LEU A 225 -37.07 6.86 11.27
CA LEU A 225 -38.18 7.21 10.40
C LEU A 225 -37.99 8.59 9.80
N HIS A 226 -37.57 9.56 10.62
CA HIS A 226 -37.37 10.92 10.13
C HIS A 226 -36.31 10.95 9.03
N HIS A 227 -35.21 10.21 9.20
CA HIS A 227 -34.16 10.20 8.19
C HIS A 227 -34.59 9.47 6.93
N SER A 228 -35.34 8.38 7.06
CA SER A 228 -35.75 7.62 5.89
C SER A 228 -36.61 8.46 4.96
N LYS A 229 -37.42 9.36 5.53
CA LYS A 229 -38.30 10.22 4.75
C LYS A 229 -37.55 11.33 4.04
N ARG A 230 -36.26 11.51 4.31
CA ARG A 230 -35.50 12.59 3.72
C ARG A 230 -34.56 12.12 2.61
N TYR A 231 -34.49 10.82 2.35
CA TYR A 231 -33.62 10.33 1.29
C TYR A 231 -33.99 10.91 -0.06
N LYS A 232 -35.28 11.16 -0.30
CA LYS A 232 -35.70 11.74 -1.57
C LYS A 232 -35.21 13.17 -1.76
N LEU A 233 -34.70 13.82 -0.70
CA LEU A 233 -34.14 15.16 -0.84
C LEU A 233 -32.77 15.17 -1.48
N ALA A 234 -32.09 14.03 -1.55
CA ALA A 234 -30.76 13.95 -2.12
C ALA A 234 -30.84 13.78 -3.63
N GLU A 235 -29.78 14.22 -4.32
CA GLU A 235 -29.70 14.00 -5.76
C GLU A 235 -29.30 12.57 -6.08
N GLY A 236 -28.79 11.84 -5.10
CA GLY A 236 -28.43 10.46 -5.31
C GLY A 236 -28.01 9.78 -4.03
N VAL A 237 -28.25 8.48 -3.94
CA VAL A 237 -27.78 7.65 -2.85
C VAL A 237 -26.67 6.77 -3.42
N ILE A 238 -25.51 6.84 -2.80
CA ILE A 238 -24.34 6.04 -3.18
C ILE A 238 -24.28 4.86 -2.20
N VAL A 239 -24.41 3.65 -2.72
CA VAL A 239 -24.53 2.45 -1.90
C VAL A 239 -23.35 1.53 -2.19
N ASN A 240 -22.71 1.06 -1.12
CA ASN A 240 -21.54 0.20 -1.23
C ASN A 240 -21.97 -1.26 -1.47
N SER A 241 -22.58 -1.49 -2.64
CA SER A 241 -22.94 -2.84 -3.07
C SER A 241 -22.92 -2.88 -4.59
N PHE A 242 -23.26 -4.03 -5.16
CA PHE A 242 -23.28 -4.19 -6.61
C PHE A 242 -24.29 -5.26 -6.99
N GLU A 243 -24.71 -5.24 -8.26
CA GLU A 243 -25.83 -6.08 -8.70
C GLU A 243 -25.49 -7.56 -8.56
N GLY A 244 -24.24 -7.93 -8.83
CA GLY A 244 -23.85 -9.33 -8.70
C GLY A 244 -24.01 -9.89 -7.30
N LEU A 245 -24.13 -9.01 -6.30
CA LEU A 245 -24.31 -9.42 -4.92
C LEU A 245 -25.74 -9.26 -4.44
N GLU A 246 -26.45 -8.20 -4.88
CA GLU A 246 -27.81 -7.93 -4.46
C GLU A 246 -28.65 -7.61 -5.69
N GLY A 247 -28.82 -8.62 -6.55
CA GLY A 247 -29.55 -8.41 -7.79
C GLY A 247 -30.94 -7.84 -7.57
N GLY A 248 -31.72 -8.46 -6.70
CA GLY A 248 -33.07 -8.04 -6.44
C GLY A 248 -33.16 -6.59 -6.02
N PRO A 249 -32.56 -6.27 -4.86
CA PRO A 249 -32.70 -4.90 -4.34
C PRO A 249 -32.16 -3.84 -5.28
N ILE A 250 -31.05 -4.11 -5.96
CA ILE A 250 -30.43 -3.07 -6.78
C ILE A 250 -31.27 -2.80 -8.02
N ARG A 251 -31.82 -3.85 -8.65
CA ARG A 251 -32.68 -3.64 -9.80
C ARG A 251 -33.97 -2.92 -9.41
N GLU A 252 -34.52 -3.25 -8.24
CA GLU A 252 -35.69 -2.54 -7.75
C GLU A 252 -35.37 -1.06 -7.50
N LEU A 253 -34.18 -0.79 -6.96
CA LEU A 253 -33.82 0.58 -6.61
C LEU A 253 -33.51 1.41 -7.85
N LEU A 254 -32.89 0.80 -8.86
CA LEU A 254 -32.57 1.54 -10.07
C LEU A 254 -33.80 1.85 -10.90
N HIS A 255 -34.90 1.13 -10.69
CA HIS A 255 -36.14 1.40 -11.42
C HIS A 255 -36.68 2.76 -11.02
N PRO A 256 -36.72 3.75 -11.91
CA PRO A 256 -37.13 5.09 -11.49
C PRO A 256 -38.59 5.13 -11.08
N GLU A 257 -38.85 5.85 -9.98
CA GLU A 257 -40.19 6.13 -9.49
C GLU A 257 -40.15 7.53 -8.90
N PRO A 258 -41.20 8.33 -9.09
CA PRO A 258 -41.19 9.67 -8.50
C PRO A 258 -41.12 9.62 -6.98
N GLY A 259 -40.35 10.53 -6.40
CA GLY A 259 -40.09 10.51 -4.98
C GLY A 259 -39.06 9.51 -4.53
N LYS A 260 -38.38 8.84 -5.46
CA LYS A 260 -37.30 7.91 -5.14
C LYS A 260 -35.99 8.43 -5.73
N PRO A 261 -34.94 8.58 -4.92
CA PRO A 261 -33.70 9.17 -5.45
C PRO A 261 -32.98 8.22 -6.39
N ARG A 262 -32.10 8.81 -7.20
CA ARG A 262 -31.18 8.02 -8.00
C ARG A 262 -30.27 7.22 -7.08
N VAL A 263 -29.90 6.02 -7.51
CA VAL A 263 -29.04 5.14 -6.74
C VAL A 263 -27.82 4.79 -7.60
N TYR A 264 -26.64 4.88 -7.00
CA TYR A 264 -25.39 4.58 -7.69
C TYR A 264 -24.67 3.47 -6.96
N PRO A 265 -24.75 2.22 -7.44
CA PRO A 265 -23.98 1.14 -6.82
C PRO A 265 -22.51 1.24 -7.20
N VAL A 266 -21.65 1.36 -6.19
CA VAL A 266 -20.22 1.53 -6.40
C VAL A 266 -19.38 0.50 -5.66
N GLY A 267 -20.00 -0.44 -4.96
CA GLY A 267 -19.25 -1.42 -4.21
C GLY A 267 -18.71 -2.53 -5.10
N PRO A 268 -17.80 -3.33 -4.54
CA PRO A 268 -17.31 -3.33 -3.15
C PRO A 268 -16.16 -2.39 -2.85
N LEU A 269 -16.41 -1.40 -2.00
CA LEU A 269 -15.37 -0.47 -1.56
C LEU A 269 -14.78 -0.99 -0.24
N ILE A 270 -13.54 -1.47 -0.30
CA ILE A 270 -12.86 -2.03 0.85
C ILE A 270 -11.40 -1.60 0.79
N GLN A 271 -10.75 -1.65 1.95
CA GLN A 271 -9.34 -1.35 2.01
C GLN A 271 -8.52 -2.44 1.32
N ALA A 272 -7.28 -2.10 1.01
CA ALA A 272 -6.35 -3.06 0.44
C ALA A 272 -5.55 -3.73 1.56
N GLY A 273 -4.82 -4.78 1.21
CA GLY A 273 -4.01 -5.49 2.16
C GLY A 273 -2.63 -4.85 2.34
N SER A 274 -1.90 -5.38 3.32
CA SER A 274 -0.57 -4.85 3.62
C SER A 274 0.47 -5.24 2.57
N CYS A 275 0.15 -6.16 1.65
CA CYS A 275 1.05 -6.42 0.54
C CYS A 275 1.32 -5.15 -0.25
N GLU A 276 0.27 -4.34 -0.47
CA GLU A 276 0.40 -3.07 -1.17
C GLU A 276 0.39 -1.92 -0.16
N LYS A 277 1.35 -1.99 0.78
CA LYS A 277 1.48 -0.96 1.80
C LYS A 277 2.92 -0.46 1.90
N GLY A 278 3.84 -1.33 2.32
CA GLY A 278 5.22 -0.93 2.47
C GLY A 278 6.14 -2.05 2.92
N ALA A 279 6.73 -1.89 4.10
CA ALA A 279 7.67 -2.88 4.61
C ALA A 279 7.03 -4.26 4.62
N ALA A 280 7.83 -5.28 4.31
CA ALA A 280 7.37 -6.65 4.17
C ALA A 280 7.52 -7.46 5.45
N ALA A 281 7.45 -6.83 6.61
CA ALA A 281 7.52 -7.56 7.87
C ALA A 281 6.24 -8.34 8.09
N ARG A 282 6.38 -9.60 8.50
CA ARG A 282 5.24 -10.51 8.57
C ARG A 282 4.71 -10.59 9.99
N PRO A 283 3.42 -10.31 10.22
CA PRO A 283 2.86 -10.57 11.55
C PRO A 283 2.97 -12.04 11.92
N GLU A 284 2.79 -12.32 13.21
CA GLU A 284 3.02 -13.66 13.72
C GLU A 284 1.89 -14.61 13.35
N CYS A 285 0.65 -14.10 13.22
CA CYS A 285 -0.47 -14.96 12.89
C CYS A 285 -0.41 -15.43 11.44
N LEU A 286 0.20 -14.63 10.57
CA LEU A 286 0.28 -15.02 9.16
C LEU A 286 1.38 -16.04 8.93
N LYS A 287 2.46 -15.99 9.71
CA LYS A 287 3.41 -17.10 9.72
C LYS A 287 2.71 -18.41 10.01
N TRP A 288 1.92 -18.43 11.08
CA TRP A 288 1.14 -19.62 11.43
C TRP A 288 0.26 -20.07 10.27
N LEU A 289 -0.40 -19.12 9.60
CA LEU A 289 -1.29 -19.46 8.50
C LEU A 289 -0.53 -20.09 7.33
N ASP A 290 0.71 -19.67 7.09
CA ASP A 290 1.51 -20.28 6.03
C ASP A 290 1.80 -21.74 6.33
N GLN A 291 2.02 -22.07 7.60
CA GLN A 291 2.32 -23.44 7.99
C GLN A 291 1.13 -24.37 7.79
N GLN A 292 -0.09 -23.83 7.73
CA GLN A 292 -1.28 -24.66 7.58
C GLN A 292 -1.60 -24.88 6.11
N PRO A 293 -2.38 -25.90 5.78
CA PRO A 293 -2.69 -26.19 4.38
C PRO A 293 -3.80 -25.31 3.83
N ARG A 294 -4.09 -25.53 2.55
CA ARG A 294 -5.01 -24.68 1.80
C ARG A 294 -6.43 -24.77 2.35
N GLY A 295 -7.09 -23.61 2.46
CA GLY A 295 -8.49 -23.55 2.76
C GLY A 295 -8.94 -24.33 3.97
N SER A 296 -8.06 -24.42 4.97
CA SER A 296 -8.27 -25.32 6.09
C SER A 296 -8.53 -24.63 7.42
N VAL A 297 -8.39 -23.30 7.48
CA VAL A 297 -8.49 -22.55 8.73
C VAL A 297 -9.81 -21.81 8.74
N LEU A 298 -10.52 -21.87 9.87
CA LEU A 298 -11.71 -21.07 10.12
C LEU A 298 -11.27 -19.85 10.91
N PHE A 299 -11.38 -18.67 10.29
CA PHE A 299 -11.11 -17.41 10.98
C PHE A 299 -12.35 -16.99 11.75
N VAL A 300 -12.18 -16.71 13.04
CA VAL A 300 -13.28 -16.35 13.93
C VAL A 300 -13.01 -14.93 14.46
N ASN A 301 -13.88 -13.99 14.09
CA ASN A 301 -13.72 -12.60 14.53
C ASN A 301 -15.09 -11.96 14.59
N PHE A 302 -15.50 -11.53 15.78
CA PHE A 302 -16.79 -10.87 15.95
C PHE A 302 -16.69 -9.35 15.85
N GLY A 303 -15.48 -8.80 15.76
CA GLY A 303 -15.30 -7.37 15.72
C GLY A 303 -15.18 -6.75 17.10
N SER A 304 -14.76 -5.50 17.12
CA SER A 304 -14.48 -4.83 18.39
C SER A 304 -15.74 -4.49 19.19
N GLY A 305 -16.91 -4.56 18.58
CA GLY A 305 -18.14 -4.34 19.32
C GLY A 305 -18.96 -5.60 19.51
N GLY A 306 -18.31 -6.75 19.42
CA GLY A 306 -19.01 -8.02 19.53
C GLY A 306 -18.59 -8.84 20.74
N VAL A 307 -18.56 -8.21 21.91
CA VAL A 307 -18.20 -8.94 23.12
C VAL A 307 -19.29 -9.95 23.44
N LEU A 308 -18.87 -11.17 23.77
CA LEU A 308 -19.80 -12.23 24.12
C LEU A 308 -19.89 -12.37 25.64
N SER A 309 -20.99 -12.94 26.10
CA SER A 309 -21.09 -13.31 27.50
C SER A 309 -20.11 -14.44 27.80
N THR A 310 -19.85 -14.66 29.10
CA THR A 310 -18.94 -15.73 29.50
C THR A 310 -19.47 -17.08 29.03
N GLU A 311 -20.76 -17.33 29.22
CA GLU A 311 -21.32 -18.61 28.81
C GLU A 311 -21.22 -18.80 27.30
N GLN A 312 -21.57 -17.77 26.53
CA GLN A 312 -21.51 -17.87 25.08
C GLN A 312 -20.09 -18.14 24.60
N GLN A 313 -19.10 -17.45 25.18
CA GLN A 313 -17.72 -17.71 24.81
C GLN A 313 -17.27 -19.09 25.25
N ASN A 314 -17.79 -19.60 26.36
CA ASN A 314 -17.42 -20.94 26.80
C ASN A 314 -17.98 -22.00 25.86
N GLU A 315 -19.20 -21.80 25.36
CA GLU A 315 -19.76 -22.74 24.41
C GLU A 315 -18.93 -22.79 23.12
N LEU A 316 -18.48 -21.63 22.66
CA LEU A 316 -17.67 -21.62 21.44
C LEU A 316 -16.31 -22.28 21.68
N ALA A 317 -15.67 -21.95 22.81
CA ALA A 317 -14.36 -22.52 23.10
C ALA A 317 -14.43 -24.03 23.18
N GLY A 318 -15.44 -24.55 23.89
CA GLY A 318 -15.57 -25.99 24.05
C GLY A 318 -15.70 -26.71 22.73
N VAL A 319 -16.46 -26.14 21.79
CA VAL A 319 -16.58 -26.74 20.48
C VAL A 319 -15.24 -26.71 19.76
N LEU A 320 -14.54 -25.59 19.81
CA LEU A 320 -13.25 -25.48 19.14
C LEU A 320 -12.21 -26.42 19.75
N ALA A 321 -12.29 -26.66 21.06
CA ALA A 321 -11.31 -27.52 21.71
C ALA A 321 -11.46 -28.98 21.28
N HIS A 322 -12.71 -29.45 21.18
CA HIS A 322 -12.98 -30.84 20.83
C HIS A 322 -13.09 -31.07 19.33
N SER A 323 -12.77 -30.07 18.51
CA SER A 323 -12.87 -30.19 17.06
C SER A 323 -11.52 -30.57 16.46
N GLN A 324 -11.58 -31.13 15.26
CA GLN A 324 -10.37 -31.36 14.45
C GLN A 324 -10.12 -30.20 13.48
N GLN A 325 -10.88 -29.11 13.61
CA GLN A 325 -10.78 -27.99 12.69
C GLN A 325 -9.67 -27.05 13.14
N ARG A 326 -8.82 -26.65 12.19
CA ARG A 326 -7.86 -25.59 12.45
C ARG A 326 -8.60 -24.26 12.48
N PHE A 327 -8.26 -23.42 13.44
CA PHE A 327 -8.95 -22.15 13.61
C PHE A 327 -7.97 -21.06 14.01
N LEU A 328 -8.38 -19.83 13.77
CA LEU A 328 -7.66 -18.62 14.18
C LEU A 328 -8.70 -17.69 14.77
N TRP A 329 -8.67 -17.51 16.09
CA TRP A 329 -9.78 -16.92 16.84
C TRP A 329 -9.34 -15.67 17.57
N VAL A 330 -9.94 -14.53 17.21
CA VAL A 330 -9.74 -13.27 17.90
C VAL A 330 -10.77 -13.19 19.03
N VAL A 331 -10.30 -13.07 20.28
CA VAL A 331 -11.18 -13.10 21.43
C VAL A 331 -11.03 -11.83 22.25
N ARG A 332 -12.09 -11.48 22.96
CA ARG A 332 -12.20 -10.29 23.79
C ARG A 332 -12.67 -10.68 25.18
N PRO A 333 -12.41 -9.86 26.19
CA PRO A 333 -12.88 -10.18 27.54
C PRO A 333 -14.40 -10.14 27.61
N PRO A 334 -15.04 -11.21 28.08
CA PRO A 334 -16.50 -11.20 28.18
C PRO A 334 -17.08 -10.01 28.91
N ASN A 335 -18.38 -9.79 28.74
CA ASN A 335 -19.07 -8.61 29.25
C ASN A 335 -19.62 -8.78 30.66
N ASP A 336 -19.49 -9.96 31.26
CA ASP A 336 -20.18 -10.24 32.51
C ASP A 336 -19.39 -11.22 33.37
N GLY A 337 -18.06 -11.06 33.37
CA GLY A 337 -17.24 -11.93 34.21
C GLY A 337 -17.66 -11.82 35.68
N ILE A 338 -17.72 -12.99 36.34
CA ILE A 338 -18.19 -13.03 37.72
C ILE A 338 -17.28 -12.21 38.63
N ALA A 339 -16.00 -12.10 38.28
CA ALA A 339 -15.02 -11.37 39.06
C ALA A 339 -14.23 -10.44 38.16
N ASN A 340 -13.47 -9.54 38.79
CA ASN A 340 -12.64 -8.61 38.05
C ASN A 340 -11.52 -9.38 37.35
N ALA A 341 -10.68 -8.63 36.63
CA ALA A 341 -9.51 -9.22 35.99
C ALA A 341 -8.36 -9.28 36.98
N THR A 342 -7.60 -10.38 36.92
CA THR A 342 -6.39 -10.53 37.71
C THR A 342 -5.12 -10.47 36.88
N TYR A 343 -5.16 -11.00 35.66
CA TYR A 343 -4.06 -10.91 34.70
C TYR A 343 -4.31 -9.77 33.73
N PHE A 344 -3.23 -9.14 33.28
CA PHE A 344 -3.32 -8.03 32.34
C PHE A 344 -2.14 -8.10 31.38
N SER A 345 -2.29 -7.45 30.24
CA SER A 345 -1.26 -7.39 29.22
C SER A 345 -0.29 -6.26 29.53
N VAL A 346 0.83 -6.24 28.80
CA VAL A 346 1.85 -5.21 29.02
C VAL A 346 1.23 -3.82 28.93
N ASP A 347 0.37 -3.61 27.93
CA ASP A 347 -0.29 -2.32 27.79
C ASP A 347 -1.08 -1.95 29.03
N GLY A 348 -1.69 -2.95 29.67
CA GLY A 348 -2.47 -2.74 30.89
C GLY A 348 -3.92 -3.17 30.79
N GLU A 349 -4.41 -3.62 29.64
CA GLU A 349 -5.79 -4.04 29.51
C GLU A 349 -5.94 -5.51 29.96
N ILE A 350 -7.19 -5.87 30.28
CA ILE A 350 -7.46 -7.23 30.72
C ILE A 350 -6.96 -8.22 29.68
N ASP A 351 -6.33 -9.29 30.14
CA ASP A 351 -5.81 -10.32 29.25
C ASP A 351 -6.92 -11.30 28.90
N PRO A 352 -7.40 -11.31 27.65
CA PRO A 352 -8.51 -12.23 27.32
C PRO A 352 -8.12 -13.69 27.33
N LEU A 353 -6.84 -14.03 27.14
CA LEU A 353 -6.48 -15.43 27.00
C LEU A 353 -6.49 -16.17 28.33
N LYS A 354 -6.23 -15.47 29.44
CA LYS A 354 -6.33 -16.08 30.76
C LYS A 354 -7.76 -16.25 31.22
N LEU A 355 -8.74 -15.84 30.42
CA LEU A 355 -10.15 -16.04 30.73
C LEU A 355 -10.76 -17.22 29.97
N LEU A 356 -10.01 -17.85 29.07
CA LEU A 356 -10.50 -19.02 28.37
C LEU A 356 -10.61 -20.21 29.34
N PRO A 357 -11.38 -21.23 28.98
CA PRO A 357 -11.56 -22.36 29.90
C PRO A 357 -10.24 -23.01 30.26
N GLU A 358 -10.29 -23.77 31.36
CA GLU A 358 -9.10 -24.46 31.84
C GLU A 358 -8.52 -25.35 30.75
N GLY A 359 -7.23 -25.16 30.46
CA GLY A 359 -6.54 -26.01 29.54
C GLY A 359 -6.92 -25.87 28.09
N PHE A 360 -7.80 -24.94 27.74
CA PHE A 360 -8.13 -24.72 26.34
C PHE A 360 -6.86 -24.48 25.52
N LEU A 361 -5.99 -23.62 26.02
CA LEU A 361 -4.79 -23.25 25.28
C LEU A 361 -3.88 -24.46 25.07
N GLU A 362 -3.75 -25.31 26.08
CA GLU A 362 -2.97 -26.53 25.92
C GLU A 362 -3.71 -27.53 25.05
N GLN A 363 -5.02 -27.64 25.23
CA GLN A 363 -5.83 -28.55 24.41
C GLN A 363 -5.77 -28.17 22.94
N THR A 364 -5.70 -26.87 22.64
CA THR A 364 -5.80 -26.37 21.28
C THR A 364 -4.47 -26.24 20.57
N ALA A 365 -3.37 -26.17 21.33
CA ALA A 365 -2.06 -25.84 20.77
C ALA A 365 -1.78 -26.55 19.46
N GLY A 366 -1.23 -25.81 18.51
CA GLY A 366 -0.87 -26.36 17.20
C GLY A 366 -1.97 -26.32 16.16
N ARG A 367 -3.19 -26.74 16.55
CA ARG A 367 -4.30 -26.74 15.61
C ARG A 367 -4.92 -25.35 15.48
N GLY A 368 -4.98 -24.60 16.57
CA GLY A 368 -5.59 -23.29 16.56
C GLY A 368 -4.72 -22.25 17.25
N LEU A 369 -4.90 -21.01 16.83
CA LEU A 369 -4.16 -19.87 17.38
C LEU A 369 -5.15 -18.81 17.82
N VAL A 370 -5.05 -18.41 19.08
CA VAL A 370 -5.95 -17.42 19.68
C VAL A 370 -5.23 -16.08 19.73
N LEU A 371 -5.90 -15.02 19.28
CA LEU A 371 -5.34 -13.68 19.23
C LEU A 371 -6.14 -12.73 20.12
N PRO A 372 -5.46 -11.81 20.82
CA PRO A 372 -6.21 -10.85 21.66
C PRO A 372 -6.66 -9.61 20.93
N MET A 373 -7.96 -9.33 20.99
CA MET A 373 -8.55 -8.03 20.65
C MET A 373 -8.62 -7.70 19.17
N TRP A 374 -7.52 -7.90 18.43
CA TRP A 374 -7.45 -7.41 17.06
C TRP A 374 -6.58 -8.33 16.23
N ALA A 375 -6.78 -8.27 14.92
CA ALA A 375 -6.02 -9.06 13.96
C ALA A 375 -6.05 -8.36 12.61
N PRO A 376 -5.08 -8.64 11.72
CA PRO A 376 -5.07 -8.04 10.37
C PRO A 376 -6.07 -8.73 9.45
N GLN A 377 -7.34 -8.34 9.61
CA GLN A 377 -8.44 -9.11 9.06
C GLN A 377 -8.30 -9.28 7.54
N ILE A 378 -8.13 -8.18 6.81
CA ILE A 378 -8.07 -8.26 5.35
C ILE A 378 -7.01 -9.25 4.91
N ASP A 379 -5.83 -9.19 5.54
CA ASP A 379 -4.74 -10.07 5.14
C ASP A 379 -5.06 -11.53 5.49
N VAL A 380 -5.73 -11.76 6.61
CA VAL A 380 -6.16 -13.12 6.95
C VAL A 380 -7.11 -13.65 5.89
N LEU A 381 -8.09 -12.82 5.49
CA LEU A 381 -9.07 -13.27 4.52
C LEU A 381 -8.45 -13.50 3.14
N SER A 382 -7.36 -12.79 2.82
CA SER A 382 -6.69 -12.97 1.54
C SER A 382 -5.74 -14.16 1.53
N HIS A 383 -5.42 -14.71 2.69
CA HIS A 383 -4.55 -15.87 2.76
C HIS A 383 -5.22 -17.09 2.14
N GLU A 384 -4.45 -17.83 1.33
CA GLU A 384 -5.01 -19.02 0.68
C GLU A 384 -5.38 -20.08 1.69
N SER A 385 -4.71 -20.10 2.86
CA SER A 385 -5.00 -21.11 3.87
C SER A 385 -6.36 -20.88 4.52
N THR A 386 -6.83 -19.64 4.56
CA THR A 386 -8.12 -19.35 5.18
C THR A 386 -9.25 -19.96 4.35
N GLY A 387 -10.06 -20.80 5.00
CA GLY A 387 -11.14 -21.48 4.31
C GLY A 387 -12.52 -21.09 4.80
N GLY A 388 -12.61 -20.35 5.91
CA GLY A 388 -13.90 -19.95 6.44
C GLY A 388 -13.78 -18.78 7.38
N PHE A 389 -14.90 -18.07 7.54
CA PHE A 389 -14.93 -16.82 8.32
C PHE A 389 -16.19 -16.82 9.16
N LEU A 390 -16.06 -17.04 10.45
CA LEU A 390 -17.17 -16.85 11.38
C LEU A 390 -17.19 -15.38 11.78
N THR A 391 -18.24 -14.68 11.39
CA THR A 391 -18.29 -13.23 11.47
C THR A 391 -19.59 -12.75 12.08
N HIS A 392 -19.55 -11.54 12.63
CA HIS A 392 -20.75 -10.87 13.10
C HIS A 392 -21.54 -10.22 11.98
N CYS A 393 -21.05 -10.30 10.74
CA CYS A 393 -21.77 -9.85 9.56
C CYS A 393 -21.82 -8.33 9.42
N GLY A 394 -20.80 -7.65 9.94
CA GLY A 394 -20.56 -6.28 9.53
C GLY A 394 -20.35 -6.22 8.03
N TRP A 395 -20.95 -5.20 7.41
CA TRP A 395 -20.98 -5.18 5.94
C TRP A 395 -19.58 -5.02 5.35
N ASN A 396 -18.71 -4.25 6.00
CA ASN A 396 -17.34 -4.16 5.49
C ASN A 396 -16.64 -5.51 5.60
N SER A 397 -16.87 -6.23 6.69
CA SER A 397 -16.28 -7.57 6.82
C SER A 397 -16.88 -8.52 5.78
N THR A 398 -18.21 -8.47 5.60
CA THR A 398 -18.84 -9.27 4.57
C THR A 398 -18.22 -8.96 3.20
N LEU A 399 -18.09 -7.67 2.87
CA LEU A 399 -17.53 -7.29 1.58
C LEU A 399 -16.10 -7.78 1.44
N GLU A 400 -15.31 -7.70 2.52
CA GLU A 400 -13.93 -8.18 2.46
C GLU A 400 -13.89 -9.69 2.26
N SER A 401 -14.79 -10.42 2.92
CA SER A 401 -14.84 -11.86 2.75
C SER A 401 -15.29 -12.22 1.34
N VAL A 402 -16.26 -11.48 0.79
CA VAL A 402 -16.75 -11.76 -0.55
C VAL A 402 -15.67 -11.49 -1.58
N PHE A 403 -14.95 -10.37 -1.44
CA PHE A 403 -13.95 -10.02 -2.44
C PHE A 403 -12.84 -11.06 -2.50
N HIS A 404 -12.46 -11.62 -1.36
CA HIS A 404 -11.41 -12.62 -1.30
C HIS A 404 -11.95 -14.05 -1.28
N GLY A 405 -13.27 -14.22 -1.36
CA GLY A 405 -13.85 -15.53 -1.54
C GLY A 405 -13.75 -16.47 -0.37
N VAL A 406 -14.08 -15.99 0.83
CA VAL A 406 -14.07 -16.80 2.04
C VAL A 406 -15.51 -17.03 2.47
N PRO A 407 -16.03 -18.26 2.42
CA PRO A 407 -17.41 -18.49 2.86
C PRO A 407 -17.61 -18.16 4.33
N LEU A 408 -18.87 -18.02 4.71
CA LEU A 408 -19.23 -17.39 5.97
C LEU A 408 -20.02 -18.32 6.88
N ILE A 409 -19.79 -18.15 8.18
CA ILE A 409 -20.74 -18.56 9.21
C ILE A 409 -21.30 -17.26 9.78
N THR A 410 -22.58 -17.02 9.54
CA THR A 410 -23.22 -15.74 9.86
C THR A 410 -23.69 -15.76 11.31
N TRP A 411 -23.02 -15.01 12.16
CA TRP A 411 -23.31 -14.92 13.59
C TRP A 411 -23.67 -13.47 13.92
N PRO A 412 -24.80 -12.99 13.45
CA PRO A 412 -25.11 -11.56 13.61
C PRO A 412 -25.41 -11.20 15.05
N LEU A 413 -25.14 -9.94 15.38
CA LEU A 413 -25.24 -9.50 16.77
C LEU A 413 -26.13 -8.28 16.96
N TYR A 414 -25.88 -7.21 16.20
CA TYR A 414 -26.59 -5.95 16.43
C TYR A 414 -26.70 -5.21 15.10
N ALA A 415 -27.20 -3.97 15.17
CA ALA A 415 -27.37 -3.11 13.99
C ALA A 415 -28.18 -3.88 12.95
N GLU A 416 -27.79 -3.90 11.68
CA GLU A 416 -28.54 -4.59 10.64
C GLU A 416 -27.92 -5.95 10.28
N GLN A 417 -27.10 -6.50 11.17
CA GLN A 417 -26.36 -7.72 10.85
C GLN A 417 -27.30 -8.90 10.62
N LYS A 418 -28.41 -8.97 11.37
CA LYS A 418 -29.35 -10.07 11.17
C LYS A 418 -29.95 -10.02 9.76
N MET A 419 -30.26 -8.81 9.28
CA MET A 419 -30.72 -8.69 7.90
C MET A 419 -29.64 -9.19 6.93
N ASN A 420 -28.39 -8.76 7.14
CA ASN A 420 -27.32 -9.23 6.28
C ASN A 420 -27.22 -10.75 6.33
N ALA A 421 -27.42 -11.33 7.51
CA ALA A 421 -27.29 -12.77 7.66
C ALA A 421 -28.37 -13.51 6.87
N VAL A 422 -29.62 -13.05 6.96
CA VAL A 422 -30.70 -13.68 6.21
C VAL A 422 -30.40 -13.63 4.72
N MET A 423 -29.99 -12.46 4.22
CA MET A 423 -29.72 -12.35 2.79
C MET A 423 -28.53 -13.21 2.39
N LEU A 424 -27.52 -13.32 3.27
CA LEU A 424 -26.33 -14.09 2.92
C LEU A 424 -26.59 -15.60 2.95
N THR A 425 -27.43 -16.07 3.86
CA THR A 425 -27.62 -17.51 4.03
C THR A 425 -28.83 -18.05 3.27
N GLU A 426 -29.96 -17.35 3.31
CA GLU A 426 -31.17 -17.83 2.65
C GLU A 426 -31.36 -17.25 1.26
N GLY A 427 -30.58 -16.25 0.87
CA GLY A 427 -30.65 -15.69 -0.47
C GLY A 427 -29.47 -16.12 -1.33
N LEU A 428 -28.28 -15.57 -1.05
CA LEU A 428 -27.10 -15.93 -1.81
C LEU A 428 -26.60 -17.32 -1.47
N ARG A 429 -26.93 -17.84 -0.29
CA ARG A 429 -26.47 -19.15 0.15
C ARG A 429 -24.94 -19.25 0.05
N VAL A 430 -24.28 -18.27 0.66
CA VAL A 430 -22.83 -18.26 0.79
C VAL A 430 -22.41 -18.31 2.26
N GLY A 431 -23.32 -18.75 3.13
CA GLY A 431 -22.98 -18.95 4.53
C GLY A 431 -24.02 -19.81 5.20
N LEU A 432 -23.79 -20.09 6.48
CA LEU A 432 -24.71 -20.83 7.33
C LEU A 432 -24.90 -20.07 8.63
N ARG A 433 -26.15 -19.97 9.08
CA ARG A 433 -26.49 -19.23 10.30
C ARG A 433 -26.84 -20.19 11.42
N PRO A 434 -26.11 -20.19 12.54
CA PRO A 434 -26.52 -21.02 13.68
C PRO A 434 -27.74 -20.43 14.38
N SER A 435 -28.70 -21.30 14.69
CA SER A 435 -29.92 -20.86 15.34
C SER A 435 -29.65 -20.49 16.79
N VAL A 436 -30.25 -19.39 17.24
CA VAL A 436 -30.10 -18.93 18.61
C VAL A 436 -31.19 -19.56 19.47
N GLY A 437 -30.87 -19.79 20.74
CA GLY A 437 -31.83 -20.35 21.66
C GLY A 437 -32.75 -19.31 22.26
N LYS A 438 -33.73 -19.80 23.03
CA LYS A 438 -34.72 -18.91 23.64
C LYS A 438 -34.09 -18.00 24.69
N ASP A 439 -32.91 -18.35 25.20
CA ASP A 439 -32.20 -17.55 26.19
C ASP A 439 -31.13 -16.66 25.56
N GLY A 440 -31.10 -16.59 24.23
CA GLY A 440 -30.11 -15.77 23.56
C GLY A 440 -28.76 -16.43 23.36
N ILE A 441 -28.64 -17.71 23.67
CA ILE A 441 -27.36 -18.41 23.62
C ILE A 441 -27.35 -19.32 22.40
N ILE A 442 -26.24 -19.31 21.67
CA ILE A 442 -26.01 -20.23 20.56
C ILE A 442 -25.20 -21.40 21.12
N ARG A 443 -25.87 -22.54 21.33
CA ARG A 443 -25.23 -23.68 21.98
C ARG A 443 -24.18 -24.32 21.08
N GLY A 444 -23.28 -25.09 21.71
CA GLY A 444 -22.23 -25.75 20.96
C GLY A 444 -22.73 -26.67 19.86
N ALA A 445 -23.89 -27.28 20.05
CA ALA A 445 -24.43 -28.16 19.01
C ALA A 445 -24.63 -27.40 17.70
N GLU A 446 -25.16 -26.17 17.79
CA GLU A 446 -25.36 -25.38 16.58
C GLU A 446 -24.04 -24.86 16.04
N ILE A 447 -23.12 -24.43 16.91
CA ILE A 447 -21.82 -23.99 16.44
C ILE A 447 -21.12 -25.11 15.68
N ALA A 448 -21.09 -26.31 16.27
CA ALA A 448 -20.41 -27.43 15.64
C ALA A 448 -21.12 -27.82 14.34
N ARG A 449 -22.45 -27.75 14.32
CA ARG A 449 -23.18 -28.08 13.10
C ARG A 449 -22.72 -27.21 11.94
N VAL A 450 -22.73 -25.89 12.12
CA VAL A 450 -22.43 -25.00 11.01
C VAL A 450 -20.95 -25.07 10.65
N ILE A 451 -20.08 -25.18 11.65
CA ILE A 451 -18.66 -25.33 11.36
C ILE A 451 -18.41 -26.58 10.51
N GLY A 452 -18.93 -27.72 10.97
CA GLY A 452 -18.68 -28.97 10.26
C GLY A 452 -19.26 -28.96 8.86
N GLU A 453 -20.50 -28.46 8.71
CA GLU A 453 -21.11 -28.42 7.39
C GLU A 453 -20.30 -27.52 6.46
N LEU A 454 -19.98 -26.30 6.89
CA LEU A 454 -19.25 -25.38 6.04
C LEU A 454 -17.88 -25.95 5.65
N MET A 455 -17.09 -26.40 6.63
CA MET A 455 -15.70 -26.72 6.39
C MET A 455 -15.50 -28.10 5.77
N GLU A 456 -16.46 -29.02 5.88
CA GLU A 456 -16.25 -30.35 5.32
C GLU A 456 -17.53 -31.07 4.91
N GLY A 457 -18.68 -30.42 4.92
CA GLY A 457 -19.90 -31.02 4.43
C GLY A 457 -20.09 -30.80 2.94
N GLU A 458 -21.17 -31.39 2.41
CA GLU A 458 -21.45 -31.24 0.99
C GLU A 458 -22.05 -29.87 0.67
N GLU A 459 -22.90 -29.36 1.57
CA GLU A 459 -23.40 -28.00 1.41
C GLU A 459 -22.27 -27.00 1.50
N GLY A 460 -21.21 -27.32 2.25
CA GLY A 460 -20.08 -26.42 2.35
C GLY A 460 -19.32 -26.26 1.04
N LYS A 461 -19.33 -27.29 0.20
CA LYS A 461 -18.66 -27.19 -1.09
C LYS A 461 -19.50 -26.37 -2.07
N ARG A 462 -20.82 -26.56 -2.04
CA ARG A 462 -21.70 -25.75 -2.87
C ARG A 462 -21.66 -24.28 -2.45
N ILE A 463 -21.55 -24.04 -1.14
CA ILE A 463 -21.44 -22.67 -0.65
C ILE A 463 -20.12 -22.05 -1.07
N ARG A 464 -19.05 -22.86 -1.10
CA ARG A 464 -17.76 -22.33 -1.52
C ARG A 464 -17.76 -22.00 -3.01
N SER A 465 -18.30 -22.89 -3.83
CA SER A 465 -18.38 -22.61 -5.28
C SER A 465 -19.12 -21.31 -5.53
N LYS A 466 -20.24 -21.09 -4.85
CA LYS A 466 -21.01 -19.87 -5.06
C LYS A 466 -20.21 -18.65 -4.63
N MET A 467 -19.51 -18.74 -3.49
CA MET A 467 -18.72 -17.60 -3.02
C MET A 467 -17.57 -17.29 -3.95
N GLN A 468 -16.99 -18.30 -4.61
CA GLN A 468 -15.94 -18.02 -5.59
C GLN A 468 -16.52 -17.29 -6.81
N GLU A 469 -17.75 -17.64 -7.20
CA GLU A 469 -18.41 -16.92 -8.28
C GLU A 469 -18.61 -15.45 -7.92
N LEU A 470 -19.04 -15.18 -6.68
CA LEU A 470 -19.20 -13.79 -6.26
C LEU A 470 -17.85 -13.07 -6.19
N LYS A 471 -16.79 -13.78 -5.79
CA LYS A 471 -15.46 -13.17 -5.80
C LYS A 471 -15.11 -12.65 -7.20
N ARG A 472 -15.34 -13.48 -8.22
CA ARG A 472 -15.03 -13.06 -9.58
C ARG A 472 -15.91 -11.90 -10.01
N ALA A 473 -17.19 -11.94 -9.65
CA ALA A 473 -18.08 -10.82 -9.97
C ALA A 473 -17.63 -9.54 -9.28
N ALA A 474 -17.08 -9.65 -8.07
CA ALA A 474 -16.65 -8.48 -7.34
C ALA A 474 -15.44 -7.82 -8.00
N SER A 475 -14.50 -8.62 -8.49
CA SER A 475 -13.37 -8.04 -9.20
C SER A 475 -13.79 -7.48 -10.55
N ALA A 476 -14.83 -8.05 -11.16
CA ALA A 476 -15.27 -7.59 -12.47
C ALA A 476 -15.88 -6.19 -12.40
N VAL A 477 -16.77 -5.96 -11.43
CA VAL A 477 -17.43 -4.66 -11.35
C VAL A 477 -16.43 -3.55 -11.09
N LEU A 478 -15.31 -3.87 -10.44
CA LEU A 478 -14.25 -2.89 -10.21
C LEU A 478 -13.30 -2.77 -11.40
N SER A 479 -13.53 -3.51 -12.47
CA SER A 479 -12.64 -3.48 -13.63
C SER A 479 -12.67 -2.10 -14.28
N LYS A 480 -11.74 -1.90 -15.23
CA LYS A 480 -11.64 -0.61 -15.91
C LYS A 480 -12.99 -0.17 -16.47
N ASP A 481 -13.75 -1.12 -17.04
CA ASP A 481 -15.12 -0.88 -17.53
C ASP A 481 -16.01 -1.92 -16.86
N GLY A 482 -16.44 -1.61 -15.63
CA GLY A 482 -17.38 -2.44 -14.92
C GLY A 482 -18.52 -1.60 -14.37
N SER A 483 -19.51 -2.30 -13.82
CA SER A 483 -20.71 -1.62 -13.31
C SER A 483 -20.35 -0.57 -12.27
N SER A 484 -19.44 -0.89 -11.35
CA SER A 484 -19.18 -0.01 -10.22
C SER A 484 -18.30 1.17 -10.61
N THR A 485 -17.27 0.94 -11.41
CA THR A 485 -16.38 2.04 -11.80
C THR A 485 -17.14 3.07 -12.63
N ARG A 486 -18.06 2.62 -13.48
CA ARG A 486 -18.84 3.57 -14.27
C ARG A 486 -19.78 4.37 -13.39
N ALA A 487 -20.35 3.74 -12.36
CA ALA A 487 -21.21 4.47 -11.43
C ALA A 487 -20.42 5.54 -10.69
N LEU A 488 -19.20 5.23 -10.29
CA LEU A 488 -18.35 6.25 -9.67
C LEU A 488 -18.10 7.39 -10.65
N GLU A 489 -17.77 7.06 -11.89
CA GLU A 489 -17.57 8.09 -12.91
C GLU A 489 -18.81 8.95 -13.07
N GLU A 490 -20.00 8.34 -13.01
CA GLU A 490 -21.23 9.12 -13.11
C GLU A 490 -21.34 10.13 -11.97
N VAL A 491 -20.99 9.71 -10.75
CA VAL A 491 -21.07 10.62 -9.61
C VAL A 491 -20.08 11.77 -9.78
N ALA A 492 -18.85 11.46 -10.19
CA ALA A 492 -17.86 12.50 -10.43
C ALA A 492 -18.35 13.49 -11.50
N LYS A 493 -18.92 12.96 -12.59
CA LYS A 493 -19.44 13.83 -13.64
C LYS A 493 -20.53 14.75 -13.11
N ILE A 494 -21.48 14.19 -12.35
CA ILE A 494 -22.55 15.02 -11.81
C ILE A 494 -21.96 16.12 -10.94
N TRP A 495 -20.97 15.81 -10.12
CA TRP A 495 -20.39 16.82 -9.25
C TRP A 495 -19.70 17.92 -10.04
N GLU A 496 -18.98 17.54 -11.10
CA GLU A 496 -18.30 18.52 -11.94
C GLU A 496 -19.26 19.30 -12.84
N SER A 497 -20.48 18.82 -13.02
CA SER A 497 -21.41 19.46 -13.94
C SER A 497 -21.88 20.80 -13.40
N LYS A 498 -22.43 21.61 -14.31
CA LYS A 498 -23.03 22.89 -13.95
C LYS A 498 -22.16 23.67 -12.97
N PRO B 30 -5.98 26.54 9.79
CA PRO B 30 -7.10 25.86 9.14
C PRO B 30 -7.22 26.24 7.66
N THR B 31 -6.29 25.76 6.84
CA THR B 31 -6.25 26.17 5.45
C THR B 31 -7.43 25.60 4.67
N THR B 32 -7.78 26.29 3.58
CA THR B 32 -8.88 25.91 2.71
C THR B 32 -8.43 25.69 1.28
N ALA B 33 -7.14 25.71 1.02
CA ALA B 33 -6.64 25.57 -0.34
C ALA B 33 -6.34 24.10 -0.64
N PRO B 34 -6.19 23.75 -1.92
CA PRO B 34 -5.76 22.40 -2.27
C PRO B 34 -4.41 22.08 -1.62
N PRO B 35 -4.02 20.80 -1.61
CA PRO B 35 -2.77 20.44 -0.96
C PRO B 35 -1.57 20.91 -1.79
N PRO B 36 -0.42 21.13 -1.15
CA PRO B 36 0.76 21.54 -1.91
C PRO B 36 1.17 20.47 -2.91
N HIS B 37 1.72 20.92 -4.04
CA HIS B 37 2.03 20.04 -5.17
C HIS B 37 3.54 20.02 -5.41
N VAL B 38 4.04 18.86 -5.82
CA VAL B 38 5.46 18.67 -6.08
C VAL B 38 5.63 18.05 -7.46
N ILE B 39 6.63 18.52 -8.21
CA ILE B 39 6.89 18.06 -9.56
C ILE B 39 8.24 17.37 -9.56
N ILE B 40 8.30 16.19 -10.17
CA ILE B 40 9.50 15.37 -10.22
C ILE B 40 10.00 15.32 -11.66
N VAL B 41 11.31 15.47 -11.82
CA VAL B 41 11.94 15.45 -13.14
C VAL B 41 12.97 14.33 -13.18
N PRO B 42 12.62 13.13 -13.62
CA PRO B 42 13.63 12.07 -13.74
C PRO B 42 14.49 12.25 -14.98
N SER B 43 15.71 11.72 -14.90
CA SER B 43 16.65 11.78 -16.02
C SER B 43 17.06 10.40 -16.53
N ALA B 44 16.59 9.32 -15.90
CA ALA B 44 16.98 7.98 -16.31
C ALA B 44 15.76 7.07 -16.38
N GLY B 45 15.97 5.77 -16.16
CA GLY B 45 14.89 4.80 -16.26
C GLY B 45 14.41 4.28 -14.92
N MET B 46 14.01 3.00 -14.88
CA MET B 46 13.44 2.44 -13.66
C MET B 46 14.39 2.55 -12.47
N GLY B 47 15.70 2.48 -12.72
CA GLY B 47 16.66 2.61 -11.64
C GLY B 47 16.46 3.86 -10.81
N HIS B 48 15.99 4.93 -11.43
CA HIS B 48 15.71 6.18 -10.73
C HIS B 48 14.23 6.43 -10.53
N LEU B 49 13.35 5.90 -11.40
CA LEU B 49 11.92 6.08 -11.22
C LEU B 49 11.41 5.33 -10.00
N ILE B 50 11.84 4.09 -9.81
CA ILE B 50 11.33 3.27 -8.70
C ILE B 50 11.56 3.95 -7.36
N PRO B 51 12.78 4.36 -6.99
CA PRO B 51 12.95 5.05 -5.70
C PRO B 51 12.22 6.38 -5.63
N LEU B 52 12.20 7.15 -6.71
CA LEU B 52 11.44 8.39 -6.72
C LEU B 52 9.96 8.13 -6.45
N ALA B 53 9.41 7.08 -7.08
CA ALA B 53 8.01 6.73 -6.82
C ALA B 53 7.79 6.38 -5.36
N GLU B 54 8.69 5.56 -4.79
CA GLU B 54 8.57 5.24 -3.37
C GLU B 54 8.67 6.49 -2.51
N PHE B 55 9.61 7.39 -2.86
CA PHE B 55 9.72 8.66 -2.14
C PHE B 55 8.41 9.42 -2.17
N ALA B 56 7.80 9.56 -3.35
CA ALA B 56 6.52 10.23 -3.46
C ALA B 56 5.46 9.50 -2.64
N LYS B 57 5.48 8.17 -2.67
CA LYS B 57 4.48 7.39 -1.95
C LYS B 57 4.54 7.67 -0.45
N ARG B 58 5.74 7.73 0.12
CA ARG B 58 5.84 7.99 1.55
C ARG B 58 5.28 9.36 1.91
N LEU B 59 5.33 10.32 0.99
CA LEU B 59 4.91 11.69 1.25
C LEU B 59 3.49 11.99 0.77
N LEU B 60 2.79 11.00 0.21
CA LEU B 60 1.45 11.26 -0.29
C LEU B 60 0.47 11.77 0.77
N PRO B 61 0.64 11.48 2.07
CA PRO B 61 -0.27 12.08 3.06
C PRO B 61 -0.11 13.58 3.22
N ARG B 62 0.85 14.20 2.52
CA ARG B 62 1.06 15.64 2.68
C ARG B 62 1.28 16.39 1.37
N PHE B 63 1.52 15.71 0.25
CA PHE B 63 1.68 16.37 -1.03
C PHE B 63 1.09 15.51 -2.14
N THR B 64 0.66 16.16 -3.21
CA THR B 64 0.43 15.53 -4.51
C THR B 64 1.67 15.70 -5.36
N PHE B 65 1.85 14.81 -6.33
CA PHE B 65 3.06 14.77 -7.14
C PHE B 65 2.70 14.68 -8.61
N THR B 66 3.60 15.20 -9.45
CA THR B 66 3.51 15.06 -10.90
C THR B 66 4.88 14.66 -11.43
N PHE B 67 4.92 13.57 -12.19
CA PHE B 67 6.13 13.18 -12.90
C PHE B 67 6.17 13.91 -14.24
N ALA B 68 7.13 14.82 -14.39
CA ALA B 68 7.39 15.49 -15.66
C ALA B 68 8.59 14.81 -16.29
N VAL B 69 8.34 13.89 -17.22
CA VAL B 69 9.35 12.99 -17.73
C VAL B 69 9.90 13.57 -19.04
N PRO B 70 11.16 13.99 -19.09
CA PRO B 70 11.74 14.36 -20.39
C PRO B 70 11.95 13.13 -21.26
N THR B 71 11.74 13.31 -22.56
CA THR B 71 11.87 12.22 -23.50
C THR B 71 12.61 12.70 -24.74
N SER B 72 13.34 11.79 -25.37
CA SER B 72 13.92 11.99 -26.69
C SER B 72 13.15 11.24 -27.76
N GLY B 73 11.96 10.74 -27.43
CA GLY B 73 11.15 9.96 -28.34
C GLY B 73 9.85 9.57 -27.66
N PRO B 74 9.05 8.74 -28.32
CA PRO B 74 7.81 8.27 -27.70
C PRO B 74 8.12 7.50 -26.43
N PRO B 75 7.51 7.88 -25.30
CA PRO B 75 7.83 7.19 -24.03
C PRO B 75 7.56 5.70 -24.13
N SER B 76 8.48 4.92 -23.56
CA SER B 76 8.36 3.46 -23.61
C SER B 76 7.13 3.01 -22.82
N SER B 77 6.81 1.71 -22.98
CA SER B 77 5.66 1.16 -22.29
C SER B 77 5.96 0.81 -20.84
N SER B 78 7.20 0.45 -20.53
CA SER B 78 7.57 0.19 -19.14
C SER B 78 7.30 1.42 -18.28
N GLN B 79 7.75 2.58 -18.74
CA GLN B 79 7.49 3.82 -18.01
C GLN B 79 5.99 4.12 -17.97
N ARG B 80 5.33 4.05 -19.12
CA ARG B 80 3.88 4.24 -19.15
C ARG B 80 3.19 3.36 -18.12
N ASP B 81 3.46 2.06 -18.16
CA ASP B 81 2.75 1.12 -17.31
C ASP B 81 3.07 1.34 -15.83
N PHE B 82 4.35 1.55 -15.52
CA PHE B 82 4.74 1.72 -14.11
C PHE B 82 4.15 2.98 -13.52
N LEU B 83 4.36 4.13 -14.18
CA LEU B 83 3.83 5.38 -13.66
C LEU B 83 2.31 5.34 -13.60
N SER B 84 1.66 4.76 -14.60
CA SER B 84 0.21 4.63 -14.58
C SER B 84 -0.27 3.67 -13.49
N SER B 85 0.61 2.79 -13.01
CA SER B 85 0.28 1.91 -11.90
C SER B 85 0.42 2.58 -10.55
N LEU B 86 1.08 3.74 -10.49
CA LEU B 86 1.23 4.46 -9.24
C LEU B 86 -0.13 5.02 -8.79
N PRO B 87 -0.26 5.34 -7.50
CA PRO B 87 -1.54 5.87 -7.01
C PRO B 87 -2.04 7.08 -7.79
N ALA B 88 -3.34 7.39 -7.61
CA ALA B 88 -3.96 8.45 -8.40
C ALA B 88 -3.43 9.82 -8.05
N SER B 89 -3.04 10.05 -6.80
CA SER B 89 -2.45 11.33 -6.40
C SER B 89 -1.10 11.58 -7.05
N ILE B 90 -0.57 10.63 -7.81
CA ILE B 90 0.67 10.81 -8.55
C ILE B 90 0.33 10.64 -10.03
N ASP B 91 0.27 11.75 -10.75
CA ASP B 91 0.00 11.74 -12.18
C ASP B 91 1.31 11.93 -12.95
N THR B 92 1.22 11.77 -14.27
CA THR B 92 2.39 11.85 -15.14
C THR B 92 2.08 12.73 -16.33
N SER B 93 3.07 13.52 -16.73
CA SER B 93 2.98 14.38 -17.93
C SER B 93 4.24 14.15 -18.74
N PHE B 94 4.15 13.31 -19.76
CA PHE B 94 5.28 13.08 -20.65
C PHE B 94 5.52 14.32 -21.51
N LEU B 95 6.68 14.95 -21.34
CA LEU B 95 6.96 16.18 -22.05
C LEU B 95 7.27 15.90 -23.51
N PRO B 96 7.05 16.88 -24.39
CA PRO B 96 7.38 16.69 -25.80
C PRO B 96 8.79 16.15 -25.99
N GLU B 97 8.94 15.22 -26.92
CA GLU B 97 10.24 14.64 -27.19
C GLU B 97 11.15 15.67 -27.86
N VAL B 98 12.44 15.63 -27.50
CA VAL B 98 13.45 16.52 -28.07
C VAL B 98 14.28 15.73 -29.08
N ASP B 99 14.67 16.38 -30.16
CA ASP B 99 15.50 15.74 -31.18
C ASP B 99 16.94 15.69 -30.68
N LEU B 100 17.48 14.47 -30.54
CA LEU B 100 18.87 14.26 -30.15
C LEU B 100 19.67 13.68 -31.31
N SER B 101 19.26 13.96 -32.54
CA SER B 101 19.98 13.43 -33.70
C SER B 101 21.33 14.11 -33.87
N ASP B 102 21.43 15.38 -33.53
CA ASP B 102 22.64 16.15 -33.76
C ASP B 102 23.81 15.70 -32.88
N ALA B 103 23.61 14.71 -31.99
CA ALA B 103 24.70 14.29 -31.12
C ALA B 103 25.47 13.12 -31.74
N PRO B 104 26.77 13.00 -31.44
CA PRO B 104 27.52 11.85 -31.96
C PRO B 104 26.97 10.54 -31.42
N SER B 105 26.85 9.56 -32.30
CA SER B 105 26.25 8.28 -31.93
C SER B 105 27.04 7.56 -30.84
N ASP B 106 28.31 7.91 -30.64
CA ASP B 106 29.10 7.32 -29.58
C ASP B 106 29.05 8.12 -28.28
N ALA B 107 28.34 9.24 -28.27
CA ALA B 107 28.22 10.05 -27.06
C ALA B 107 27.75 9.20 -25.89
N GLN B 108 28.40 9.36 -24.74
CA GLN B 108 28.06 8.57 -23.57
C GLN B 108 26.74 9.03 -22.97
N ILE B 109 26.11 8.13 -22.22
CA ILE B 109 24.73 8.34 -21.77
C ILE B 109 24.60 9.60 -20.93
N GLU B 110 25.65 9.94 -20.16
CA GLU B 110 25.56 11.13 -19.32
C GLU B 110 25.35 12.39 -20.15
N THR B 111 26.08 12.51 -21.26
CA THR B 111 25.90 13.66 -22.15
C THR B 111 24.50 13.68 -22.73
N LEU B 112 23.99 12.52 -23.14
CA LEU B 112 22.65 12.46 -23.73
C LEU B 112 21.60 12.93 -22.73
N MET B 113 21.68 12.45 -21.49
CA MET B 113 20.69 12.84 -20.48
C MET B 113 20.76 14.33 -20.20
N SER B 114 21.96 14.85 -19.92
CA SER B 114 22.11 16.26 -19.61
C SER B 114 21.46 17.14 -20.68
N LEU B 115 21.82 16.90 -21.94
CA LEU B 115 21.27 17.71 -23.02
C LEU B 115 19.77 17.49 -23.18
N MET B 116 19.28 16.29 -22.90
CA MET B 116 17.83 16.07 -22.93
C MET B 116 17.13 16.96 -21.92
N VAL B 117 17.72 17.14 -20.74
CA VAL B 117 17.12 18.00 -19.73
C VAL B 117 17.05 19.43 -20.24
N VAL B 118 18.17 19.98 -20.70
CA VAL B 118 18.20 21.37 -21.13
C VAL B 118 17.20 21.61 -22.26
N ARG B 119 17.15 20.67 -23.21
CA ARG B 119 16.27 20.84 -24.36
C ARG B 119 14.79 20.69 -23.99
N SER B 120 14.51 19.92 -22.93
CA SER B 120 13.13 19.75 -22.47
C SER B 120 12.63 20.90 -21.61
N LEU B 121 13.52 21.80 -21.18
CA LEU B 121 13.12 22.82 -20.21
C LEU B 121 11.96 23.71 -20.67
N PRO B 122 11.85 24.10 -21.94
CA PRO B 122 10.66 24.91 -22.33
C PRO B 122 9.35 24.26 -21.93
N SER B 123 9.19 22.96 -22.15
CA SER B 123 7.96 22.28 -21.77
C SER B 123 7.79 22.23 -20.26
N LEU B 124 8.90 22.16 -19.52
CA LEU B 124 8.82 22.23 -18.07
C LEU B 124 8.19 23.55 -17.62
N ARG B 125 8.66 24.66 -18.19
CA ARG B 125 8.06 25.96 -17.88
C ARG B 125 6.56 25.95 -18.16
N ASP B 126 6.16 25.41 -19.32
CA ASP B 126 4.74 25.40 -19.67
C ASP B 126 3.93 24.54 -18.70
N LEU B 127 4.48 23.40 -18.27
CA LEU B 127 3.75 22.53 -17.37
C LEU B 127 3.53 23.18 -16.02
N ILE B 128 4.58 23.74 -15.43
CA ILE B 128 4.42 24.45 -14.17
C ILE B 128 3.42 25.59 -14.32
N ALA B 129 3.37 26.20 -15.50
CA ALA B 129 2.45 27.32 -15.70
C ALA B 129 0.99 26.85 -15.65
N SER B 130 0.69 25.67 -16.22
CA SER B 130 -0.69 25.23 -16.29
C SER B 130 -1.32 25.07 -14.91
N TYR B 131 -0.50 24.85 -13.87
CA TYR B 131 -1.01 24.66 -12.52
C TYR B 131 -1.39 25.96 -11.83
N SER B 132 -0.81 27.09 -12.25
CA SER B 132 -1.11 28.36 -11.60
C SER B 132 -2.61 28.65 -11.61
N ALA B 133 -3.30 28.25 -12.68
CA ALA B 133 -4.74 28.45 -12.78
C ALA B 133 -5.54 27.45 -11.97
N SER B 134 -4.93 26.40 -11.45
CA SER B 134 -5.64 25.34 -10.76
C SER B 134 -5.76 25.56 -9.26
N GLY B 135 -5.02 26.51 -8.69
CA GLY B 135 -5.05 26.75 -7.27
C GLY B 135 -4.13 25.87 -6.46
N ARG B 136 -3.44 24.92 -7.10
CA ARG B 136 -2.49 24.05 -6.42
C ARG B 136 -1.12 24.70 -6.42
N ARG B 137 -0.51 24.79 -5.24
CA ARG B 137 0.76 25.47 -5.08
C ARG B 137 1.91 24.50 -5.30
N VAL B 138 2.84 24.86 -6.19
CA VAL B 138 4.04 24.06 -6.42
C VAL B 138 4.99 24.34 -5.26
N ALA B 139 5.07 23.42 -4.31
CA ALA B 139 5.88 23.62 -3.12
C ALA B 139 7.34 23.29 -3.34
N ALA B 140 7.67 22.49 -4.36
CA ALA B 140 9.06 22.11 -4.58
C ALA B 140 9.19 21.50 -5.96
N LEU B 141 10.42 21.47 -6.45
CA LEU B 141 10.78 20.81 -7.70
C LEU B 141 11.93 19.86 -7.41
N VAL B 142 11.68 18.56 -7.61
CA VAL B 142 12.65 17.52 -7.32
C VAL B 142 13.23 17.03 -8.64
N VAL B 143 14.56 17.09 -8.78
CA VAL B 143 15.23 16.75 -10.01
C VAL B 143 16.16 15.57 -9.78
N ASP B 144 16.39 14.80 -10.85
CA ASP B 144 17.30 13.67 -10.80
C ASP B 144 18.74 14.16 -10.73
N LEU B 145 19.69 13.22 -10.67
CA LEU B 145 21.08 13.56 -10.42
C LEU B 145 21.80 14.10 -11.65
N PHE B 146 21.18 14.03 -12.84
CA PHE B 146 21.72 14.65 -14.04
C PHE B 146 20.76 15.68 -14.63
N ALA B 147 19.82 16.18 -13.82
CA ALA B 147 18.84 17.16 -14.27
C ALA B 147 18.96 18.44 -13.45
N THR B 148 20.19 18.82 -13.10
CA THR B 148 20.41 20.02 -12.30
C THR B 148 20.08 21.29 -13.07
N ASP B 149 20.11 21.25 -14.40
CA ASP B 149 19.77 22.44 -15.17
C ASP B 149 18.34 22.87 -14.90
N ALA B 150 17.45 21.92 -14.57
CA ALA B 150 16.07 22.28 -14.26
C ALA B 150 15.96 23.11 -12.99
N ILE B 151 16.99 23.13 -12.16
CA ILE B 151 16.97 23.98 -10.97
C ILE B 151 16.76 25.44 -11.36
N ASP B 152 17.29 25.85 -12.52
CA ASP B 152 17.08 27.22 -12.99
C ASP B 152 15.59 27.57 -12.96
N VAL B 153 14.75 26.75 -13.58
CA VAL B 153 13.32 27.01 -13.60
C VAL B 153 12.79 27.18 -12.18
N ALA B 154 13.20 26.28 -11.27
CA ALA B 154 12.78 26.40 -9.88
C ALA B 154 13.13 27.77 -9.33
N LEU B 155 14.39 28.19 -9.50
CA LEU B 155 14.80 29.52 -9.05
C LEU B 155 14.02 30.62 -9.74
N GLU B 156 13.83 30.49 -11.06
CA GLU B 156 13.08 31.49 -11.81
C GLU B 156 11.73 31.80 -11.16
N LEU B 157 11.06 30.77 -10.64
CA LEU B 157 9.68 30.87 -10.21
C LEU B 157 9.54 30.83 -8.69
N GLY B 158 10.64 31.00 -7.95
CA GLY B 158 10.57 30.94 -6.51
C GLY B 158 10.18 29.59 -5.97
N ILE B 159 10.37 28.53 -6.73
CA ILE B 159 10.06 27.18 -6.31
C ILE B 159 11.28 26.57 -5.66
N ARG B 160 11.09 25.92 -4.53
CA ARG B 160 12.20 25.33 -3.81
C ARG B 160 12.87 24.23 -4.63
N PRO B 161 14.16 24.36 -4.99
CA PRO B 161 14.82 23.30 -5.75
C PRO B 161 15.45 22.23 -4.86
N PHE B 162 15.10 20.97 -5.11
CA PHE B 162 15.69 19.84 -4.39
C PHE B 162 16.20 18.82 -5.37
N ILE B 163 17.23 18.08 -4.96
CA ILE B 163 17.83 17.03 -5.77
C ILE B 163 17.61 15.70 -5.06
N PHE B 164 17.15 14.70 -5.81
CA PHE B 164 17.01 13.35 -5.30
C PHE B 164 18.19 12.52 -5.80
N PHE B 165 18.90 11.89 -4.87
CA PHE B 165 20.11 11.14 -5.19
C PHE B 165 19.84 9.65 -5.01
N PRO B 166 19.62 8.89 -6.08
CA PRO B 166 19.25 7.48 -5.95
C PRO B 166 20.43 6.53 -5.77
N SER B 167 21.64 7.03 -5.58
CA SER B 167 22.83 6.21 -5.45
C SER B 167 23.36 6.29 -4.01
N THR B 168 24.63 5.94 -3.83
CA THR B 168 25.22 5.88 -2.50
C THR B 168 25.59 7.28 -2.00
N ALA B 169 25.73 7.38 -0.67
CA ALA B 169 26.25 8.61 -0.08
C ALA B 169 27.72 8.79 -0.41
N MET B 170 28.48 7.70 -0.44
CA MET B 170 29.86 7.74 -0.92
C MET B 170 29.95 8.50 -2.24
N THR B 171 29.14 8.09 -3.22
CA THR B 171 29.15 8.76 -4.52
C THR B 171 28.72 10.21 -4.40
N LEU B 172 27.78 10.51 -3.50
CA LEU B 172 27.36 11.89 -3.30
C LEU B 172 28.50 12.74 -2.75
N SER B 173 29.26 12.20 -1.79
CA SER B 173 30.44 12.91 -1.31
C SER B 173 31.44 13.12 -2.44
N PHE B 174 31.49 12.19 -3.40
CA PHE B 174 32.40 12.32 -4.53
C PHE B 174 31.96 13.45 -5.46
N PHE B 175 30.68 13.44 -5.86
CA PHE B 175 30.15 14.54 -6.66
C PHE B 175 30.41 15.88 -5.99
N LEU B 176 30.03 16.02 -4.72
CA LEU B 176 30.30 17.23 -3.98
C LEU B 176 31.79 17.58 -4.02
N HIS B 177 32.64 16.58 -3.79
CA HIS B 177 34.08 16.79 -3.74
C HIS B 177 34.74 16.78 -5.12
N LEU B 178 33.95 16.63 -6.19
CA LEU B 178 34.55 16.58 -7.53
C LEU B 178 35.20 17.91 -7.91
N GLU B 179 34.72 19.02 -7.34
CA GLU B 179 35.31 20.32 -7.68
C GLU B 179 36.78 20.37 -7.30
N LYS B 180 37.12 19.94 -6.09
CA LYS B 180 38.51 20.02 -5.63
C LYS B 180 39.42 19.16 -6.50
N LEU B 181 39.02 17.90 -6.73
CA LEU B 181 39.91 16.98 -7.44
C LEU B 181 40.24 17.47 -8.84
N ASP B 182 39.23 17.98 -9.56
CA ASP B 182 39.47 18.47 -10.92
C ASP B 182 40.59 19.51 -10.94
N GLU B 183 40.71 20.32 -9.91
CA GLU B 183 41.76 21.32 -9.83
C GLU B 183 43.07 20.76 -9.28
N THR B 184 42.99 19.76 -8.40
CA THR B 184 44.17 19.19 -7.74
C THR B 184 44.60 17.87 -8.37
N VAL B 185 44.40 17.71 -9.69
CA VAL B 185 44.86 16.54 -10.42
C VAL B 185 44.97 16.92 -11.89
N SER B 186 46.19 16.88 -12.43
CA SER B 186 46.41 17.15 -13.85
C SER B 186 46.81 15.86 -14.56
N CYS B 187 45.90 14.89 -14.59
CA CYS B 187 46.13 13.59 -15.21
C CYS B 187 44.87 12.76 -15.02
N GLU B 188 44.72 11.75 -15.87
CA GLU B 188 43.57 10.86 -15.75
C GLU B 188 43.62 10.14 -14.40
N PHE B 189 42.47 10.09 -13.72
CA PHE B 189 42.44 9.67 -12.33
C PHE B 189 42.95 8.25 -12.12
N ALA B 190 42.95 7.42 -13.16
CA ALA B 190 43.41 6.04 -13.00
C ALA B 190 44.93 5.94 -12.84
N GLU B 191 45.67 7.01 -13.12
CA GLU B 191 47.12 6.98 -13.01
C GLU B 191 47.62 7.26 -11.60
N LEU B 192 46.73 7.50 -10.65
CA LEU B 192 47.15 7.77 -9.28
C LEU B 192 47.99 6.61 -8.74
N SER B 193 49.06 6.96 -8.01
CA SER B 193 49.88 5.94 -7.37
C SER B 193 49.14 5.30 -6.20
N ASP B 194 48.37 6.10 -5.47
CA ASP B 194 47.62 5.67 -4.30
C ASP B 194 46.12 5.89 -4.53
N PRO B 195 45.28 5.13 -3.83
CA PRO B 195 43.83 5.35 -3.96
C PRO B 195 43.45 6.80 -3.75
N VAL B 196 42.43 7.24 -4.49
CA VAL B 196 41.89 8.58 -4.31
C VAL B 196 41.02 8.58 -3.05
N GLN B 197 41.09 9.67 -2.29
CA GLN B 197 40.42 9.77 -1.00
C GLN B 197 39.28 10.77 -1.09
N ILE B 198 38.08 10.34 -0.70
CA ILE B 198 36.90 11.20 -0.68
C ILE B 198 36.58 11.52 0.78
N PRO B 199 36.18 12.76 1.10
CA PRO B 199 35.86 13.07 2.51
C PRO B 199 34.85 12.12 3.13
N GLY B 200 35.27 11.42 4.17
CA GLY B 200 34.39 10.63 5.01
C GLY B 200 34.39 9.14 4.71
N CYS B 201 34.68 8.75 3.48
CA CYS B 201 34.45 7.39 3.03
C CYS B 201 35.75 6.67 2.68
N ILE B 202 35.62 5.36 2.50
CA ILE B 202 36.70 4.46 2.09
C ILE B 202 37.54 5.08 0.99
N PRO B 203 38.87 4.91 1.02
CA PRO B 203 39.67 5.30 -0.15
C PRO B 203 39.50 4.29 -1.28
N VAL B 204 39.44 4.79 -2.50
CA VAL B 204 39.17 3.97 -3.68
C VAL B 204 40.24 4.23 -4.72
N HIS B 205 40.61 3.17 -5.45
CA HIS B 205 41.55 3.31 -6.56
C HIS B 205 40.93 4.20 -7.63
N GLY B 206 41.70 5.17 -8.12
CA GLY B 206 41.24 6.06 -9.16
C GLY B 206 40.71 5.32 -10.37
N LYS B 207 41.17 4.08 -10.56
CA LYS B 207 40.72 3.27 -11.68
C LYS B 207 39.32 2.71 -11.46
N ASP B 208 38.97 2.41 -10.21
CA ASP B 208 37.78 1.64 -9.90
C ASP B 208 36.57 2.52 -9.56
N LEU B 209 36.69 3.84 -9.71
CA LEU B 209 35.55 4.71 -9.45
C LEU B 209 34.65 4.77 -10.69
N ILE B 210 33.62 5.62 -10.61
CA ILE B 210 32.59 5.71 -11.64
C ILE B 210 33.20 5.81 -13.03
N ASP B 211 32.44 5.36 -14.03
CA ASP B 211 32.98 5.34 -15.40
C ASP B 211 33.21 6.74 -15.95
N PRO B 212 32.27 7.68 -15.86
CA PRO B 212 32.37 8.90 -16.68
C PRO B 212 33.60 9.74 -16.41
N VAL B 213 34.29 9.54 -15.28
CA VAL B 213 35.46 10.36 -14.98
C VAL B 213 36.77 9.71 -15.45
N GLN B 214 36.71 8.50 -16.00
CA GLN B 214 37.93 7.88 -16.53
C GLN B 214 38.41 8.57 -17.79
N ASP B 215 37.49 9.09 -18.61
CA ASP B 215 37.81 9.81 -19.84
C ASP B 215 37.64 11.28 -19.55
N ARG B 216 38.70 11.91 -19.02
CA ARG B 216 38.61 13.25 -18.47
C ARG B 216 38.27 14.32 -19.51
N LYS B 217 38.33 14.00 -20.80
CA LYS B 217 38.03 14.97 -21.84
C LYS B 217 36.78 14.63 -22.64
N ASN B 218 36.15 13.50 -22.36
CA ASN B 218 34.85 13.21 -22.96
C ASN B 218 33.79 14.12 -22.36
N ASP B 219 32.77 14.43 -23.15
CA ASP B 219 31.71 15.32 -22.68
C ASP B 219 30.98 14.76 -21.47
N ALA B 220 31.08 13.44 -21.24
CA ALA B 220 30.46 12.86 -20.05
C ALA B 220 31.08 13.47 -18.78
N TYR B 221 32.41 13.51 -18.72
CA TYR B 221 33.07 14.09 -17.55
C TYR B 221 32.78 15.58 -17.42
N LYS B 222 32.71 16.29 -18.56
CA LYS B 222 32.41 17.71 -18.51
C LYS B 222 31.03 17.97 -17.92
N TRP B 223 30.03 17.20 -18.37
CA TRP B 223 28.70 17.34 -17.80
C TRP B 223 28.68 16.95 -16.33
N LEU B 224 29.47 15.94 -15.96
CA LEU B 224 29.49 15.49 -14.57
C LEU B 224 29.96 16.60 -13.64
N LEU B 225 31.05 17.28 -14.00
CA LEU B 225 31.55 18.36 -13.16
C LEU B 225 30.60 19.56 -13.19
N HIS B 226 29.98 19.82 -14.33
CA HIS B 226 28.95 20.86 -14.42
C HIS B 226 27.87 20.63 -13.37
N HIS B 227 27.25 19.45 -13.39
CA HIS B 227 26.25 19.11 -12.40
C HIS B 227 26.81 19.19 -11.00
N SER B 228 28.02 18.65 -10.80
CA SER B 228 28.62 18.64 -9.46
C SER B 228 28.68 20.04 -8.87
N LYS B 229 29.10 21.03 -9.67
CA LYS B 229 29.16 22.40 -9.18
C LYS B 229 27.77 22.98 -8.95
N ARG B 230 26.77 22.47 -9.68
CA ARG B 230 25.41 23.00 -9.56
C ARG B 230 24.66 22.44 -8.36
N TYR B 231 25.14 21.37 -7.75
CA TYR B 231 24.44 20.78 -6.61
C TYR B 231 24.23 21.79 -5.49
N LYS B 232 25.06 22.81 -5.40
CA LYS B 232 24.95 23.79 -4.31
C LYS B 232 23.83 24.81 -4.56
N LEU B 233 23.25 24.85 -5.76
CA LEU B 233 22.11 25.72 -6.01
C LEU B 233 20.86 25.22 -5.30
N ALA B 234 20.75 23.90 -5.10
CA ALA B 234 19.59 23.34 -4.45
C ALA B 234 19.60 23.62 -2.95
N GLU B 235 18.40 23.60 -2.35
CA GLU B 235 18.28 23.77 -0.91
C GLU B 235 18.56 22.50 -0.15
N GLY B 236 18.53 21.34 -0.81
CA GLY B 236 18.82 20.09 -0.16
C GLY B 236 18.97 18.95 -1.14
N VAL B 237 19.76 17.95 -0.78
CA VAL B 237 19.91 16.73 -1.57
C VAL B 237 19.33 15.59 -0.74
N ILE B 238 18.40 14.85 -1.34
CA ILE B 238 17.75 13.72 -0.68
C ILE B 238 18.41 12.46 -1.22
N VAL B 239 19.11 11.74 -0.35
CA VAL B 239 19.91 10.59 -0.74
C VAL B 239 19.27 9.33 -0.16
N ASN B 240 19.16 8.29 -1.00
CA ASN B 240 18.51 7.04 -0.60
C ASN B 240 19.52 6.15 0.11
N SER B 241 19.93 6.61 1.29
CA SER B 241 20.87 5.89 2.13
C SER B 241 20.61 6.27 3.59
N PHE B 242 21.22 5.54 4.51
CA PHE B 242 21.07 5.81 5.93
C PHE B 242 22.38 5.57 6.65
N GLU B 243 22.52 6.22 7.81
CA GLU B 243 23.80 6.24 8.51
C GLU B 243 24.28 4.84 8.88
N GLY B 244 23.36 3.93 9.17
CA GLY B 244 23.76 2.58 9.52
C GLY B 244 24.46 1.83 8.42
N LEU B 245 24.39 2.33 7.18
CA LEU B 245 24.99 1.68 6.03
C LEU B 245 26.21 2.40 5.48
N GLU B 246 26.28 3.73 5.64
CA GLU B 246 27.41 4.52 5.16
C GLU B 246 27.73 5.59 6.21
N GLY B 247 28.17 5.15 7.38
CA GLY B 247 28.39 6.08 8.47
C GLY B 247 29.34 7.20 8.14
N GLY B 248 30.50 6.85 7.57
CA GLY B 248 31.53 7.82 7.29
C GLY B 248 31.06 9.00 6.46
N PRO B 249 30.71 8.76 5.20
CA PRO B 249 30.34 9.88 4.33
C PRO B 249 29.05 10.58 4.74
N ILE B 250 28.09 9.85 5.31
CA ILE B 250 26.85 10.48 5.75
C ILE B 250 27.12 11.46 6.88
N ARG B 251 27.84 11.01 7.90
CA ARG B 251 28.22 11.93 8.97
C ARG B 251 29.04 13.10 8.45
N GLU B 252 29.89 12.84 7.44
CA GLU B 252 30.64 13.94 6.83
C GLU B 252 29.71 14.96 6.20
N LEU B 253 28.66 14.49 5.51
CA LEU B 253 27.75 15.40 4.84
C LEU B 253 26.85 16.13 5.83
N LEU B 254 26.48 15.47 6.93
CA LEU B 254 25.65 16.15 7.93
C LEU B 254 26.38 17.33 8.56
N HIS B 255 27.71 17.31 8.56
CA HIS B 255 28.49 18.42 9.09
C HIS B 255 28.21 19.67 8.27
N PRO B 256 27.71 20.76 8.86
CA PRO B 256 27.46 21.97 8.07
C PRO B 256 28.76 22.58 7.57
N GLU B 257 28.75 22.97 6.30
CA GLU B 257 29.91 23.61 5.68
C GLU B 257 29.39 24.58 4.63
N PRO B 258 29.81 25.84 4.64
CA PRO B 258 29.33 26.77 3.62
C PRO B 258 29.72 26.29 2.22
N GLY B 259 28.77 26.39 1.30
CA GLY B 259 28.95 25.87 -0.04
C GLY B 259 28.60 24.41 -0.21
N LYS B 260 28.07 23.77 0.83
CA LYS B 260 27.66 22.37 0.77
C LYS B 260 26.18 22.28 1.08
N PRO B 261 25.34 21.80 0.16
CA PRO B 261 23.89 21.75 0.44
C PRO B 261 23.57 20.82 1.60
N ARG B 262 22.37 21.01 2.14
CA ARG B 262 21.88 20.12 3.18
C ARG B 262 21.58 18.75 2.59
N VAL B 263 21.80 17.71 3.40
CA VAL B 263 21.59 16.33 2.97
C VAL B 263 20.59 15.68 3.92
N TYR B 264 19.61 14.99 3.35
CA TYR B 264 18.55 14.34 4.12
C TYR B 264 18.54 12.85 3.79
N PRO B 265 19.19 12.01 4.59
CA PRO B 265 19.16 10.56 4.35
C PRO B 265 17.79 9.98 4.68
N VAL B 266 17.19 9.31 3.69
CA VAL B 266 15.81 8.83 3.82
C VAL B 266 15.72 7.33 3.53
N GLY B 267 16.82 6.73 3.07
CA GLY B 267 16.84 5.33 2.74
C GLY B 267 16.73 4.43 3.95
N PRO B 268 16.50 3.13 3.75
CA PRO B 268 16.35 2.47 2.45
C PRO B 268 14.95 2.56 1.87
N LEU B 269 14.80 3.21 0.72
CA LEU B 269 13.51 3.35 0.05
C LEU B 269 13.45 2.32 -1.07
N ILE B 270 12.69 1.25 -0.83
CA ILE B 270 12.51 0.17 -1.80
C ILE B 270 11.02 -0.19 -1.84
N GLN B 271 10.66 -1.03 -2.80
CA GLN B 271 9.27 -1.38 -3.00
C GLN B 271 8.84 -2.45 -1.99
N ALA B 272 7.57 -2.84 -2.08
CA ALA B 272 7.00 -3.91 -1.28
C ALA B 272 6.90 -5.18 -2.11
N GLY B 273 6.66 -6.29 -1.42
CA GLY B 273 6.48 -7.56 -2.11
C GLY B 273 5.20 -7.59 -2.93
N SER B 274 5.22 -8.39 -3.99
CA SER B 274 4.07 -8.50 -4.88
C SER B 274 2.96 -9.31 -4.25
N ARG B 282 1.25 -16.92 -7.48
CA ARG B 282 2.54 -17.60 -7.33
C ARG B 282 3.15 -17.91 -8.69
N PRO B 283 4.00 -17.01 -9.19
CA PRO B 283 4.66 -17.26 -10.49
C PRO B 283 5.38 -18.59 -10.56
N GLU B 284 5.92 -18.90 -11.75
CA GLU B 284 6.53 -20.22 -11.97
C GLU B 284 7.83 -20.36 -11.17
N CYS B 285 8.84 -19.55 -11.51
CA CYS B 285 10.16 -19.73 -10.91
C CYS B 285 10.14 -19.58 -9.40
N LEU B 286 9.08 -18.98 -8.83
CA LEU B 286 9.01 -18.81 -7.39
C LEU B 286 8.54 -20.07 -6.67
N LYS B 287 7.90 -21.00 -7.37
CA LYS B 287 7.64 -22.31 -6.79
C LYS B 287 8.94 -23.08 -6.59
N TRP B 288 9.81 -23.08 -7.61
CA TRP B 288 11.04 -23.86 -7.58
C TRP B 288 11.86 -23.59 -6.32
N LEU B 289 11.78 -22.37 -5.78
CA LEU B 289 12.55 -22.01 -4.61
C LEU B 289 11.93 -22.57 -3.32
N ASP B 290 10.61 -22.76 -3.30
CA ASP B 290 9.97 -23.37 -2.14
C ASP B 290 10.34 -24.84 -1.97
N GLN B 291 10.79 -25.49 -3.04
CA GLN B 291 11.19 -26.89 -2.97
C GLN B 291 12.60 -27.09 -2.43
N GLN B 292 13.30 -26.01 -2.07
CA GLN B 292 14.59 -26.09 -1.42
C GLN B 292 14.47 -25.67 0.04
N PRO B 293 15.45 -26.01 0.87
CA PRO B 293 15.43 -25.55 2.27
C PRO B 293 16.05 -24.18 2.44
N ARG B 294 16.21 -23.75 3.70
CA ARG B 294 16.78 -22.44 3.98
C ARG B 294 18.15 -22.27 3.33
N GLY B 295 18.42 -21.06 2.85
CA GLY B 295 19.73 -20.68 2.37
C GLY B 295 20.37 -21.68 1.44
N SER B 296 19.62 -22.17 0.46
CA SER B 296 20.12 -23.17 -0.48
C SER B 296 20.08 -22.70 -1.92
N VAL B 297 19.72 -21.44 -2.17
CA VAL B 297 19.68 -20.89 -3.52
C VAL B 297 20.58 -19.66 -3.58
N LEU B 298 21.33 -19.55 -4.66
CA LEU B 298 22.14 -18.37 -4.96
C LEU B 298 21.54 -17.73 -6.21
N PHE B 299 20.71 -16.71 -6.01
CA PHE B 299 20.14 -16.01 -7.15
C PHE B 299 21.21 -15.18 -7.85
N VAL B 300 21.22 -15.24 -9.18
CA VAL B 300 22.24 -14.55 -9.98
C VAL B 300 21.51 -13.64 -10.96
N ASN B 301 21.74 -12.35 -10.85
CA ASN B 301 21.10 -11.38 -11.73
C ASN B 301 22.02 -10.17 -11.88
N PHE B 302 22.35 -9.83 -13.12
CA PHE B 302 23.26 -8.74 -13.41
C PHE B 302 22.53 -7.46 -13.80
N GLY B 303 21.21 -7.49 -13.89
CA GLY B 303 20.46 -6.35 -14.36
C GLY B 303 20.36 -6.32 -15.88
N SER B 304 19.36 -5.59 -16.37
CA SER B 304 19.12 -5.54 -17.81
C SER B 304 20.33 -4.99 -18.56
N GLY B 305 21.00 -4.00 -17.97
CA GLY B 305 22.15 -3.38 -18.60
C GLY B 305 23.48 -4.03 -18.33
N GLY B 306 23.51 -5.14 -17.60
CA GLY B 306 24.76 -5.80 -17.27
C GLY B 306 25.12 -6.93 -18.22
N VAL B 307 25.39 -6.59 -19.48
CA VAL B 307 25.69 -7.58 -20.50
C VAL B 307 27.16 -7.97 -20.42
N LEU B 308 27.45 -9.24 -20.69
CA LEU B 308 28.77 -9.80 -20.50
C LEU B 308 29.33 -10.36 -21.80
N SER B 309 30.65 -10.58 -21.82
CA SER B 309 31.30 -11.24 -22.94
C SER B 309 31.01 -12.72 -22.89
N THR B 310 30.91 -13.33 -24.07
CA THR B 310 30.58 -14.76 -24.14
C THR B 310 31.63 -15.60 -23.42
N GLU B 311 32.91 -15.26 -23.60
CA GLU B 311 33.96 -15.96 -22.86
C GLU B 311 33.77 -15.80 -21.36
N GLN B 312 33.46 -14.58 -20.91
CA GLN B 312 33.22 -14.35 -19.49
C GLN B 312 31.97 -15.09 -19.01
N GLN B 313 30.90 -15.07 -19.81
CA GLN B 313 29.66 -15.72 -19.41
C GLN B 313 29.82 -17.24 -19.39
N ASN B 314 30.57 -17.80 -20.34
CA ASN B 314 30.74 -19.24 -20.39
C ASN B 314 31.59 -19.76 -19.24
N GLU B 315 32.54 -18.95 -18.76
CA GLU B 315 33.24 -19.31 -17.54
C GLU B 315 32.26 -19.50 -16.39
N LEU B 316 31.31 -18.56 -16.26
CA LEU B 316 30.29 -18.68 -15.22
C LEU B 316 29.46 -19.94 -15.39
N ALA B 317 29.04 -20.23 -16.62
CA ALA B 317 28.29 -21.46 -16.87
C ALA B 317 29.11 -22.68 -16.45
N GLY B 318 30.39 -22.71 -16.82
CA GLY B 318 31.22 -23.85 -16.47
C GLY B 318 31.29 -24.12 -14.98
N VAL B 319 31.35 -23.05 -14.18
CA VAL B 319 31.43 -23.21 -12.74
C VAL B 319 30.09 -23.62 -12.15
N LEU B 320 28.99 -23.23 -12.80
CA LEU B 320 27.66 -23.58 -12.33
C LEU B 320 27.23 -24.98 -12.72
N ALA B 321 27.98 -25.65 -13.61
CA ALA B 321 27.52 -26.90 -14.17
C ALA B 321 27.79 -28.09 -13.24
N HIS B 322 29.01 -28.19 -12.72
CA HIS B 322 29.45 -29.36 -11.97
C HIS B 322 29.14 -29.28 -10.47
N SER B 323 28.62 -28.15 -9.99
CA SER B 323 28.56 -27.93 -8.55
C SER B 323 27.38 -28.68 -7.92
N GLN B 324 27.33 -28.62 -6.59
CA GLN B 324 26.28 -29.25 -5.80
C GLN B 324 25.31 -28.23 -5.22
N GLN B 325 25.26 -27.02 -5.78
CA GLN B 325 24.44 -25.94 -5.27
C GLN B 325 23.28 -25.68 -6.20
N ARG B 326 22.10 -25.45 -5.62
CA ARG B 326 20.93 -25.06 -6.39
C ARG B 326 20.99 -23.56 -6.65
N PHE B 327 20.94 -23.16 -7.92
CA PHE B 327 21.11 -21.77 -8.30
C PHE B 327 19.94 -21.31 -9.16
N LEU B 328 19.80 -19.99 -9.27
CA LEU B 328 18.84 -19.35 -10.16
C LEU B 328 19.59 -18.28 -10.94
N TRP B 329 19.72 -18.49 -12.24
CA TRP B 329 20.56 -17.65 -13.11
C TRP B 329 19.67 -16.91 -14.10
N VAL B 330 19.70 -15.58 -14.04
CA VAL B 330 19.02 -14.72 -15.00
C VAL B 330 20.06 -14.31 -16.05
N VAL B 331 19.93 -14.85 -17.26
CA VAL B 331 20.93 -14.69 -18.29
C VAL B 331 20.42 -13.72 -19.35
N ARG B 332 21.36 -13.09 -20.05
CA ARG B 332 21.07 -12.21 -21.18
C ARG B 332 22.06 -12.52 -22.30
N PRO B 333 21.68 -12.27 -23.55
CA PRO B 333 22.61 -12.49 -24.66
C PRO B 333 23.89 -11.69 -24.47
N PRO B 334 25.03 -12.24 -24.87
CA PRO B 334 26.30 -11.55 -24.63
C PRO B 334 26.47 -10.36 -25.58
N ASN B 335 27.47 -9.54 -25.27
CA ASN B 335 27.72 -8.31 -26.01
C ASN B 335 28.42 -8.54 -27.34
N ASP B 336 28.62 -9.80 -27.76
CA ASP B 336 29.35 -10.08 -28.99
C ASP B 336 28.84 -11.34 -29.69
N GLY B 337 27.57 -11.66 -29.54
CA GLY B 337 27.02 -12.87 -30.13
C GLY B 337 26.64 -12.74 -31.59
N ILE B 338 27.47 -12.04 -32.37
CA ILE B 338 27.20 -11.83 -33.78
C ILE B 338 27.24 -13.12 -34.58
N ALA B 339 27.76 -14.21 -34.00
CA ALA B 339 27.89 -15.48 -34.71
C ALA B 339 27.05 -16.61 -34.14
N ASN B 340 26.66 -16.56 -32.87
CA ASN B 340 25.89 -17.63 -32.27
C ASN B 340 24.57 -17.84 -33.00
N ALA B 341 23.66 -16.87 -32.91
CA ALA B 341 22.36 -16.91 -33.56
C ALA B 341 22.35 -15.87 -34.67
N THR B 342 22.89 -16.24 -35.83
CA THR B 342 22.96 -15.34 -36.97
C THR B 342 21.63 -15.28 -37.70
N ILE B 350 15.28 -14.25 -29.22
CA ILE B 350 16.64 -14.68 -28.93
C ILE B 350 16.68 -15.23 -27.50
N ASP B 351 15.99 -16.33 -27.26
CA ASP B 351 15.97 -16.95 -25.93
C ASP B 351 17.41 -17.22 -25.50
N PRO B 352 17.92 -16.53 -24.48
CA PRO B 352 19.33 -16.72 -24.11
C PRO B 352 19.63 -18.06 -23.46
N LEU B 353 18.65 -18.96 -23.42
CA LEU B 353 18.90 -20.31 -22.94
C LEU B 353 19.78 -21.09 -23.91
N LYS B 354 19.67 -20.78 -25.22
CA LYS B 354 20.52 -21.41 -26.22
C LYS B 354 21.88 -20.73 -26.37
N LEU B 355 22.03 -19.51 -25.85
CA LEU B 355 23.32 -18.84 -25.82
C LEU B 355 24.23 -19.37 -24.72
N LEU B 356 23.73 -20.28 -23.88
CA LEU B 356 24.55 -20.95 -22.88
C LEU B 356 25.24 -22.16 -23.52
N PRO B 357 26.32 -22.64 -22.89
CA PRO B 357 27.06 -23.76 -23.49
C PRO B 357 26.18 -24.96 -23.80
N GLU B 358 26.73 -25.89 -24.57
CA GLU B 358 25.97 -27.04 -25.01
C GLU B 358 25.51 -27.89 -23.83
N GLY B 359 24.25 -28.31 -23.88
CA GLY B 359 23.71 -29.17 -22.84
C GLY B 359 23.78 -28.61 -21.44
N PHE B 360 23.93 -27.29 -21.30
CA PHE B 360 24.00 -26.72 -19.96
C PHE B 360 22.68 -26.94 -19.21
N LEU B 361 21.55 -26.84 -19.91
CA LEU B 361 20.27 -27.23 -19.34
C LEU B 361 20.39 -28.62 -18.69
N GLU B 362 20.87 -29.59 -19.45
CA GLU B 362 20.82 -30.98 -19.02
C GLU B 362 21.66 -31.21 -17.77
N GLN B 363 22.89 -30.69 -17.76
CA GLN B 363 23.73 -30.84 -16.59
C GLN B 363 23.15 -30.10 -15.39
N THR B 364 22.49 -28.97 -15.62
CA THR B 364 21.95 -28.16 -14.54
C THR B 364 20.50 -28.49 -14.23
N ALA B 365 19.79 -29.13 -15.16
CA ALA B 365 18.39 -29.48 -14.93
C ALA B 365 18.25 -30.25 -13.61
N GLY B 366 17.28 -29.82 -12.80
CA GLY B 366 17.06 -30.41 -11.50
C GLY B 366 17.76 -29.63 -10.40
N ARG B 367 19.06 -29.43 -10.54
CA ARG B 367 19.80 -28.70 -9.51
C ARG B 367 19.49 -27.20 -9.57
N GLY B 368 19.61 -26.59 -10.75
CA GLY B 368 19.42 -25.17 -10.91
C GLY B 368 18.30 -24.83 -11.87
N LEU B 369 18.10 -23.53 -12.04
CA LEU B 369 17.11 -23.00 -12.97
C LEU B 369 17.66 -21.73 -13.60
N VAL B 370 17.55 -21.62 -14.92
CA VAL B 370 17.96 -20.44 -15.65
C VAL B 370 16.71 -19.72 -16.14
N LEU B 371 16.72 -18.39 -16.07
CA LEU B 371 15.60 -17.59 -16.50
C LEU B 371 16.04 -16.55 -17.52
N PRO B 372 15.24 -16.31 -18.55
CA PRO B 372 15.65 -15.37 -19.61
C PRO B 372 15.32 -13.92 -19.25
N MET B 373 16.36 -13.09 -19.16
CA MET B 373 16.23 -11.64 -19.07
C MET B 373 15.75 -11.16 -17.69
N TRP B 374 14.56 -11.56 -17.28
CA TRP B 374 13.91 -10.95 -16.13
C TRP B 374 13.34 -12.01 -15.19
N ALA B 375 13.34 -11.68 -13.89
CA ALA B 375 12.74 -12.48 -12.83
C ALA B 375 12.20 -11.50 -11.79
N PRO B 376 11.40 -12.01 -10.82
CA PRO B 376 10.81 -11.09 -9.80
C PRO B 376 11.75 -10.87 -8.61
N GLN B 377 12.72 -9.96 -8.80
CA GLN B 377 13.86 -9.89 -7.90
C GLN B 377 13.44 -9.71 -6.45
N ILE B 378 12.44 -8.87 -6.19
CA ILE B 378 12.04 -8.62 -4.80
C ILE B 378 11.50 -9.92 -4.18
N ASP B 379 10.60 -10.60 -4.88
CA ASP B 379 10.04 -11.84 -4.34
C ASP B 379 11.13 -12.87 -4.07
N VAL B 380 12.16 -12.90 -4.91
CA VAL B 380 13.26 -13.85 -4.70
C VAL B 380 13.98 -13.54 -3.40
N LEU B 381 14.13 -12.26 -3.07
CA LEU B 381 15.00 -11.81 -2.00
C LEU B 381 14.33 -11.81 -0.63
N SER B 382 13.06 -12.20 -0.54
CA SER B 382 12.38 -12.32 0.75
C SER B 382 12.22 -13.78 1.17
N HIS B 383 12.64 -14.73 0.33
CA HIS B 383 12.50 -16.14 0.64
C HIS B 383 13.58 -16.60 1.61
N GLU B 384 13.21 -17.55 2.48
CA GLU B 384 14.22 -18.15 3.34
C GLU B 384 15.16 -19.05 2.56
N SER B 385 14.66 -19.66 1.48
CA SER B 385 15.49 -20.52 0.65
C SER B 385 16.71 -19.76 0.11
N THR B 386 16.54 -18.47 -0.18
CA THR B 386 17.64 -17.66 -0.68
C THR B 386 18.68 -17.45 0.41
N GLY B 387 19.93 -17.82 0.12
CA GLY B 387 21.01 -17.69 1.07
C GLY B 387 22.09 -16.73 0.63
N GLY B 388 22.03 -16.32 -0.64
CA GLY B 388 22.98 -15.36 -1.17
C GLY B 388 22.42 -14.71 -2.41
N PHE B 389 23.16 -13.72 -2.92
CA PHE B 389 22.70 -12.96 -4.08
C PHE B 389 23.92 -12.46 -4.83
N LEU B 390 24.27 -13.14 -5.92
CA LEU B 390 25.26 -12.64 -6.86
C LEU B 390 24.58 -11.60 -7.73
N THR B 391 25.08 -10.37 -7.70
CA THR B 391 24.39 -9.29 -8.39
C THR B 391 25.41 -8.28 -8.92
N HIS B 392 24.93 -7.43 -9.83
CA HIS B 392 25.73 -6.37 -10.41
C HIS B 392 25.92 -5.19 -9.46
N CYS B 393 25.41 -5.29 -8.23
CA CYS B 393 25.56 -4.25 -7.22
C CYS B 393 24.82 -2.97 -7.61
N GLY B 394 23.76 -3.10 -8.40
CA GLY B 394 22.86 -1.98 -8.56
C GLY B 394 22.29 -1.56 -7.22
N TRP B 395 22.21 -0.25 -7.00
CA TRP B 395 21.95 0.25 -5.65
C TRP B 395 20.58 -0.21 -5.15
N ASN B 396 19.54 -0.09 -6.00
CA ASN B 396 18.23 -0.57 -5.58
C ASN B 396 18.27 -2.05 -5.22
N SER B 397 19.02 -2.85 -5.98
CA SER B 397 19.19 -4.25 -5.65
C SER B 397 19.97 -4.42 -4.36
N THR B 398 21.02 -3.63 -4.17
CA THR B 398 21.80 -3.71 -2.95
C THR B 398 20.94 -3.38 -1.73
N LEU B 399 20.15 -2.30 -1.82
CA LEU B 399 19.28 -1.91 -0.71
C LEU B 399 18.25 -2.99 -0.42
N GLU B 400 17.63 -3.54 -1.47
CA GLU B 400 16.68 -4.64 -1.28
C GLU B 400 17.33 -5.79 -0.54
N SER B 401 18.53 -6.19 -0.96
CA SER B 401 19.21 -7.30 -0.31
C SER B 401 19.58 -6.95 1.13
N VAL B 402 19.94 -5.70 1.38
CA VAL B 402 20.28 -5.30 2.74
C VAL B 402 19.04 -5.32 3.64
N PHE B 403 17.92 -4.80 3.13
CA PHE B 403 16.71 -4.76 3.94
C PHE B 403 16.22 -6.16 4.30
N HIS B 404 16.36 -7.10 3.37
CA HIS B 404 15.89 -8.47 3.59
C HIS B 404 16.98 -9.40 4.12
N GLY B 405 18.23 -8.94 4.18
CA GLY B 405 19.28 -9.70 4.84
C GLY B 405 19.82 -10.87 4.03
N VAL B 406 20.13 -10.64 2.77
CA VAL B 406 20.71 -11.65 1.89
C VAL B 406 22.17 -11.26 1.62
N PRO B 407 23.15 -12.08 1.98
CA PRO B 407 24.54 -11.73 1.67
C PRO B 407 24.75 -11.67 0.16
N LEU B 408 25.85 -11.03 -0.22
CA LEU B 408 26.08 -10.67 -1.61
C LEU B 408 27.38 -11.26 -2.14
N ILE B 409 27.35 -11.62 -3.42
CA ILE B 409 28.56 -11.81 -4.22
C ILE B 409 28.63 -10.61 -5.15
N THR B 410 29.46 -9.63 -4.80
CA THR B 410 29.52 -8.38 -5.55
C THR B 410 30.18 -8.63 -6.90
N TRP B 411 29.44 -8.33 -7.98
CA TRP B 411 29.90 -8.54 -9.35
C TRP B 411 29.67 -7.25 -10.13
N PRO B 412 30.47 -6.23 -9.87
CA PRO B 412 30.21 -4.92 -10.50
C PRO B 412 30.47 -4.93 -12.00
N LEU B 413 29.95 -3.90 -12.66
CA LEU B 413 30.14 -3.74 -14.09
C LEU B 413 30.37 -2.29 -14.48
N TYR B 414 29.33 -1.48 -14.52
CA TYR B 414 29.39 -0.13 -15.04
C TYR B 414 28.86 0.86 -14.02
N ALA B 415 28.93 2.14 -14.36
CA ALA B 415 28.45 3.24 -13.51
C ALA B 415 29.22 3.17 -12.19
N GLU B 416 28.58 3.56 -11.09
CA GLU B 416 29.22 3.51 -9.77
C GLU B 416 29.17 2.12 -9.15
N GLN B 417 28.68 1.12 -9.89
CA GLN B 417 28.61 -0.24 -9.35
C GLN B 417 29.99 -0.72 -8.91
N LYS B 418 31.05 -0.30 -9.60
CA LYS B 418 32.40 -0.57 -9.11
C LYS B 418 32.55 -0.11 -7.68
N MET B 419 32.16 1.14 -7.41
CA MET B 419 32.27 1.69 -6.07
C MET B 419 31.43 0.89 -5.08
N ASN B 420 30.16 0.63 -5.43
CA ASN B 420 29.28 -0.12 -4.54
C ASN B 420 29.94 -1.40 -4.06
N ALA B 421 30.44 -2.21 -5.00
CA ALA B 421 31.12 -3.45 -4.63
C ALA B 421 32.23 -3.18 -3.61
N VAL B 422 33.08 -2.19 -3.90
CA VAL B 422 34.16 -1.84 -2.98
C VAL B 422 33.62 -1.66 -1.56
N MET B 423 32.69 -0.71 -1.40
CA MET B 423 32.17 -0.39 -0.08
C MET B 423 31.53 -1.60 0.58
N LEU B 424 30.83 -2.43 -0.18
CA LEU B 424 30.12 -3.56 0.41
C LEU B 424 31.09 -4.60 0.96
N THR B 425 32.22 -4.82 0.28
CA THR B 425 33.15 -5.89 0.64
C THR B 425 34.34 -5.40 1.44
N GLU B 426 34.87 -4.22 1.14
CA GLU B 426 36.01 -3.71 1.89
C GLU B 426 35.59 -3.06 3.19
N GLY B 427 34.48 -2.33 3.18
CA GLY B 427 34.03 -1.62 4.35
C GLY B 427 33.06 -2.41 5.22
N LEU B 428 31.82 -2.54 4.76
CA LEU B 428 30.81 -3.24 5.54
C LEU B 428 31.10 -4.74 5.64
N ARG B 429 31.88 -5.30 4.72
CA ARG B 429 32.20 -6.72 4.72
C ARG B 429 30.93 -7.57 4.78
N VAL B 430 30.06 -7.36 3.79
CA VAL B 430 28.82 -8.10 3.64
C VAL B 430 28.77 -8.84 2.30
N GLY B 431 29.93 -9.06 1.68
CA GLY B 431 29.98 -9.78 0.43
C GLY B 431 31.42 -10.05 0.04
N LEU B 432 31.58 -10.73 -1.10
CA LEU B 432 32.90 -11.09 -1.62
C LEU B 432 32.97 -10.68 -3.08
N ARG B 433 33.98 -9.88 -3.43
CA ARG B 433 34.17 -9.40 -4.78
C ARG B 433 35.13 -10.31 -5.52
N PRO B 434 34.68 -11.08 -6.51
CA PRO B 434 35.61 -11.96 -7.22
C PRO B 434 36.70 -11.17 -7.93
N SER B 435 37.87 -11.78 -8.05
CA SER B 435 39.01 -11.13 -8.69
C SER B 435 38.82 -11.09 -10.20
N VAL B 436 39.06 -9.92 -10.79
CA VAL B 436 38.99 -9.74 -12.24
C VAL B 436 40.13 -8.85 -12.68
N GLY B 437 41.21 -8.82 -11.90
CA GLY B 437 42.34 -7.97 -12.19
C GLY B 437 43.45 -8.67 -12.96
N LYS B 438 43.08 -9.37 -14.04
CA LYS B 438 44.05 -10.05 -14.89
C LYS B 438 43.93 -9.58 -16.34
N ASP B 439 42.85 -9.93 -17.04
CA ASP B 439 42.67 -9.57 -18.44
C ASP B 439 41.29 -8.98 -18.70
N GLY B 440 40.64 -8.45 -17.67
CA GLY B 440 39.24 -8.10 -17.77
C GLY B 440 38.31 -9.30 -17.72
N ILE B 441 38.86 -10.50 -17.56
CA ILE B 441 38.09 -11.74 -17.45
C ILE B 441 38.37 -12.34 -16.09
N ILE B 442 37.42 -13.09 -15.57
CA ILE B 442 37.60 -13.84 -14.33
C ILE B 442 37.70 -15.32 -14.69
N ARG B 443 38.60 -16.02 -14.01
CA ARG B 443 38.70 -17.46 -14.15
C ARG B 443 37.58 -18.14 -13.38
N GLY B 444 37.16 -19.31 -13.86
CA GLY B 444 36.08 -20.03 -13.21
C GLY B 444 36.36 -20.33 -11.76
N ALA B 445 37.64 -20.47 -11.40
CA ALA B 445 37.99 -20.83 -10.02
C ALA B 445 37.44 -19.82 -9.03
N GLU B 446 37.62 -18.52 -9.31
CA GLU B 446 37.13 -17.49 -8.41
C GLU B 446 35.64 -17.66 -8.13
N ILE B 447 34.89 -18.07 -9.16
CA ILE B 447 33.44 -18.23 -9.00
C ILE B 447 33.14 -19.26 -7.93
N ALA B 448 33.65 -20.49 -8.11
CA ALA B 448 33.39 -21.54 -7.15
C ALA B 448 33.91 -21.18 -5.77
N ARG B 449 35.06 -20.51 -5.71
CA ARG B 449 35.62 -20.10 -4.43
C ARG B 449 34.66 -19.21 -3.67
N VAL B 450 34.26 -18.09 -4.28
CA VAL B 450 33.40 -17.14 -3.59
C VAL B 450 32.03 -17.74 -3.32
N ILE B 451 31.49 -18.49 -4.29
CA ILE B 451 30.16 -19.07 -4.12
C ILE B 451 30.14 -20.02 -2.93
N GLY B 452 31.12 -20.93 -2.87
CA GLY B 452 31.17 -21.86 -1.76
C GLY B 452 31.47 -21.18 -0.44
N GLU B 453 32.43 -20.26 -0.44
CA GLU B 453 32.79 -19.54 0.79
C GLU B 453 31.55 -18.89 1.41
N LEU B 454 30.71 -18.27 0.59
CA LEU B 454 29.51 -17.62 1.10
C LEU B 454 28.47 -18.65 1.51
N MET B 455 28.08 -19.54 0.58
CA MET B 455 26.92 -20.38 0.81
C MET B 455 27.12 -21.33 1.98
N GLU B 456 28.35 -21.72 2.28
CA GLU B 456 28.58 -22.68 3.34
C GLU B 456 29.95 -22.57 4.02
N GLY B 457 30.83 -21.69 3.56
CA GLY B 457 32.10 -21.50 4.24
C GLY B 457 31.93 -20.93 5.63
N GLU B 458 33.02 -20.48 6.24
CA GLU B 458 32.98 -19.89 7.58
C GLU B 458 33.02 -18.37 7.55
N GLU B 459 33.86 -17.77 6.69
CA GLU B 459 33.76 -16.34 6.47
C GLU B 459 32.43 -15.98 5.83
N GLY B 460 31.78 -16.94 5.17
CA GLY B 460 30.44 -16.69 4.66
C GLY B 460 29.44 -16.38 5.76
N LYS B 461 29.53 -17.12 6.88
CA LYS B 461 28.66 -16.84 8.01
C LYS B 461 29.15 -15.69 8.87
N ARG B 462 30.43 -15.33 8.75
CA ARG B 462 30.87 -14.05 9.29
C ARG B 462 30.18 -12.90 8.58
N ILE B 463 30.09 -13.00 7.25
CA ILE B 463 29.45 -11.96 6.46
C ILE B 463 27.95 -11.93 6.72
N ARG B 464 27.34 -13.11 6.85
CA ARG B 464 25.90 -13.16 7.09
C ARG B 464 25.52 -12.43 8.38
N SER B 465 26.30 -12.63 9.44
CA SER B 465 26.00 -11.98 10.71
C SER B 465 25.97 -10.46 10.56
N LYS B 466 27.00 -9.88 9.92
CA LYS B 466 27.02 -8.45 9.69
C LYS B 466 25.85 -7.99 8.85
N MET B 467 25.39 -8.83 7.91
CA MET B 467 24.28 -8.44 7.06
C MET B 467 22.97 -8.41 7.84
N GLN B 468 22.78 -9.35 8.77
CA GLN B 468 21.63 -9.29 9.65
C GLN B 468 21.69 -8.06 10.54
N GLU B 469 22.89 -7.73 11.03
CA GLU B 469 23.08 -6.51 11.81
C GLU B 469 22.56 -5.30 11.06
N LEU B 470 22.97 -5.14 9.80
CA LEU B 470 22.54 -3.99 9.02
C LEU B 470 21.06 -4.09 8.65
N LYS B 471 20.56 -5.31 8.42
CA LYS B 471 19.13 -5.47 8.12
C LYS B 471 18.28 -4.93 9.27
N ARG B 472 18.66 -5.25 10.50
CA ARG B 472 17.94 -4.70 11.65
C ARG B 472 18.05 -3.18 11.69
N ALA B 473 19.28 -2.66 11.58
CA ALA B 473 19.47 -1.22 11.55
C ALA B 473 18.71 -0.57 10.39
N ALA B 474 18.46 -1.33 9.32
CA ALA B 474 17.73 -0.77 8.19
C ALA B 474 16.25 -0.65 8.50
N SER B 475 15.65 -1.68 9.12
CA SER B 475 14.28 -1.59 9.57
C SER B 475 14.10 -0.57 10.69
N ALA B 476 15.19 -0.15 11.32
CA ALA B 476 15.11 0.73 12.49
C ALA B 476 15.22 2.21 12.14
N VAL B 477 15.89 2.56 11.03
CA VAL B 477 16.10 3.96 10.73
C VAL B 477 14.81 4.65 10.27
N LEU B 478 13.80 3.88 9.88
CA LEU B 478 12.53 4.42 9.40
C LEU B 478 11.37 3.87 10.23
N SER B 479 11.60 3.68 11.54
CA SER B 479 10.57 3.10 12.39
C SER B 479 9.56 4.16 12.84
N LYS B 480 9.96 5.03 13.75
CA LYS B 480 9.05 6.04 14.30
C LYS B 480 9.72 7.41 14.37
N ASP B 481 10.96 7.44 14.84
CA ASP B 481 11.72 8.69 14.94
C ASP B 481 13.13 8.55 14.37
N GLY B 482 13.43 7.44 13.69
CA GLY B 482 14.76 7.25 13.16
C GLY B 482 15.16 8.32 12.18
N SER B 483 16.48 8.42 11.96
CA SER B 483 17.01 9.49 11.12
C SER B 483 16.28 9.58 9.79
N SER B 484 15.91 8.45 9.21
CA SER B 484 15.28 8.47 7.89
C SER B 484 13.91 9.14 7.94
N THR B 485 13.01 8.62 8.77
CA THR B 485 11.66 9.18 8.83
C THR B 485 11.68 10.62 9.30
N ARG B 486 12.57 10.97 10.22
CA ARG B 486 12.73 12.37 10.60
C ARG B 486 13.19 13.21 9.41
N ALA B 487 14.13 12.68 8.63
CA ALA B 487 14.59 13.40 7.45
C ALA B 487 13.43 13.68 6.49
N LEU B 488 12.62 12.65 6.22
CA LEU B 488 11.43 12.86 5.41
C LEU B 488 10.55 13.97 5.98
N GLU B 489 10.22 13.86 7.26
CA GLU B 489 9.44 14.91 7.93
C GLU B 489 10.05 16.29 7.71
N GLU B 490 11.37 16.40 7.93
CA GLU B 490 12.03 17.70 7.77
C GLU B 490 11.85 18.21 6.35
N VAL B 491 12.06 17.36 5.35
CA VAL B 491 11.85 17.77 3.96
C VAL B 491 10.41 18.20 3.75
N ALA B 492 9.46 17.45 4.33
CA ALA B 492 8.05 17.78 4.15
C ALA B 492 7.72 19.13 4.79
N LYS B 493 8.23 19.38 6.00
CA LYS B 493 7.99 20.66 6.65
C LYS B 493 8.57 21.80 5.85
N ILE B 494 9.79 21.61 5.32
CA ILE B 494 10.42 22.67 4.52
C ILE B 494 9.53 23.01 3.33
N TRP B 495 9.03 21.98 2.64
CA TRP B 495 8.16 22.22 1.49
C TRP B 495 6.86 22.91 1.91
N GLU B 496 6.29 22.51 3.05
CA GLU B 496 5.02 23.07 3.49
C GLU B 496 5.16 24.56 3.82
N SER B 497 6.24 24.94 4.48
CA SER B 497 6.36 26.29 5.00
C SER B 497 6.64 27.30 3.88
N LYS B 498 6.27 28.54 4.15
CA LYS B 498 6.51 29.65 3.23
C LYS B 498 6.04 29.31 1.82
N1 UPG C . -10.95 -4.97 11.38
C2 UPG C . -9.54 -5.50 11.53
N3 UPG C . -9.31 -6.33 12.78
C4 UPG C . -10.37 -6.58 13.75
C5 UPG C . -11.70 -6.04 13.55
C6 UPG C . -11.98 -5.24 12.38
O2 UPG C . -8.70 -5.28 10.72
O4 UPG C . -10.15 -7.23 14.72
C1C UPG C . -11.26 -4.17 10.20
C2C UPG C . -11.98 -4.87 9.36
O2C UPG C . -11.20 -5.47 8.31
C3C UPG C . -13.01 -3.77 8.63
C4C UPG C . -13.36 -2.96 9.59
O4C UPG C . -12.16 -2.95 10.62
O3C UPG C . -12.30 -3.07 7.60
C5C UPG C . -14.60 -3.48 10.33
O5C UPG C . -15.68 -3.49 9.46
PA UPG C . -17.16 -3.87 10.07
O1A UPG C . -17.23 -5.33 10.46
O2A UPG C . -18.24 -3.55 9.06
O3A UPG C . -17.32 -2.95 11.43
PB UPG C . -18.74 -2.49 12.11
O1B UPG C . -19.44 -3.69 12.70
O2B UPG C . -18.40 -1.48 13.19
O3B UPG C . -19.72 -1.81 10.97
C1' UPG C . -20.76 -1.01 11.36
C2' UPG C . -21.99 -1.83 11.73
C3' UPG C . -22.30 -2.78 10.64
C4' UPG C . -22.55 -2.02 9.36
C5' UPG C . -21.42 -1.03 9.02
C6' UPG C . -21.85 -0.13 7.89
O2' UPG C . -21.80 -2.51 12.97
O3' UPG C . -23.45 -3.61 10.98
O4' UPG C . -22.69 -2.97 8.30
O5' UPG C . -21.06 -0.16 10.17
O6' UPG C . -23.07 0.45 8.24
HN3 UPG C . -8.53 -6.66 12.93
H5 UPG C . -12.36 -6.21 14.18
H6 UPG C . -12.84 -4.89 12.26
H1C UPG C . -10.44 -3.86 9.76
H2C UPG C . -12.44 -5.56 9.87
HO2C UPG C . -10.90 -4.86 7.79
H3C UPG C . -13.80 -4.20 8.27
H4C UPG C . -13.52 -2.09 9.21
HO3C UPG C . -12.79 -2.96 6.92
H5C1 UPG C . -14.43 -4.38 10.66
H5C2 UPG C . -14.80 -2.89 11.09
H1' UPG C . -20.48 -0.51 12.14
H2' UPG C . -22.75 -1.24 11.88
H3' UPG C . -21.56 -3.39 10.51
H4' UPG C . -23.37 -1.51 9.46
H5' UPG C . -20.65 -1.55 8.75
H6'1 UPG C . -21.96 -0.65 7.08
H6'2 UPG C . -21.19 0.56 7.75
HO2' UPG C . -22.51 -2.45 13.44
HO4' UPG C . -23.41 -2.81 7.88
HO6' UPG C . -23.53 0.60 7.55
N1 UPG D . 14.14 -5.90 -11.05
C2 UPG D . 13.34 -7.19 -11.12
N3 UPG D . 13.92 -8.23 -12.07
C4 UPG D . 15.13 -8.00 -12.83
C5 UPG D . 15.85 -6.74 -12.71
C6 UPG D . 15.36 -5.71 -11.83
O2 UPG D . 12.35 -7.35 -10.50
O4 UPG D . 15.54 -8.85 -13.55
C1C UPG D . 13.68 -4.83 -10.18
C2C UPG D . 14.24 -4.97 -8.99
O2C UPG D . 13.27 -5.50 -8.08
C3C UPG D . 14.70 -3.44 -8.52
C4C UPG D . 15.03 -2.81 -9.60
O4C UPG D . 14.13 -3.43 -10.74
O3C UPG D . 13.59 -2.81 -7.85
C5C UPG D . 16.51 -3.04 -9.95
O5C UPG D . 17.27 -2.06 -9.31
PA UPG D . 18.75 -1.65 -9.92
O1A UPG D . 19.69 -2.84 -9.82
O2A UPG D . 19.35 -0.51 -9.13
O3A UPG D . 18.60 -1.19 -11.50
PB UPG D . 19.71 -0.27 -12.31
O1B UPG D . 20.95 -1.07 -12.62
O2B UPG D . 19.11 0.22 -13.60
O3B UPG D . 20.14 1.01 -11.35
C1' UPG D . 20.77 2.07 -11.92
C2' UPG D . 22.27 1.78 -12.03
C3' UPG D . 22.87 1.63 -10.68
C4' UPG D . 22.60 2.82 -9.82
C5' UPG D . 21.10 3.15 -9.76
C6' UPG D . 20.94 4.46 -9.02
O2' UPG D . 22.48 0.56 -12.77
O3' UPG D . 24.31 1.45 -10.84
O4' UPG D . 23.08 2.54 -8.49
O5' UPG D . 20.50 3.28 -11.09
O6' UPG D . 21.60 5.46 -9.75
HN3 UPG D . 13.51 -8.99 -12.15
H5 UPG D . 16.62 -6.62 -13.21
H6 UPG D . 15.82 -4.90 -11.77
H1C UPG D . 12.71 -4.83 -10.09
H2C UPG D . 15.02 -5.53 -9.06
HO2C UPG D . 13.67 -5.82 -7.40
H3C UPG D . 15.47 -3.47 -7.93
H4C UPG D . 14.86 -1.86 -9.50
HO3C UPG D . 13.41 -2.07 -8.23
H5C1 UPG D . 16.79 -3.91 -9.64
H5C2 UPG D . 16.64 -2.97 -10.91
H1' UPG D . 20.42 2.21 -12.82
H2' UPG D . 22.70 2.51 -12.50
H3' UPG D . 22.51 0.84 -10.25
H4' UPG D . 23.08 3.58 -10.18
H5' UPG D . 20.65 2.46 -9.26
H6'1 UPG D . 21.32 4.40 -8.14
H6'2 UPG D . 20.00 4.68 -8.96
HO2' UPG D . 22.84 0.75 -13.53
HO4' UPG D . 23.27 3.28 -8.10
HO6' UPG D . 21.68 5.22 -10.56
#